data_9BBE
#
_entry.id   9BBE
#
_cell.length_a   63.319
_cell.length_b   126.163
_cell.length_c   170.313
_cell.angle_alpha   90.00
_cell.angle_beta   90.00
_cell.angle_gamma   90.00
#
_symmetry.space_group_name_H-M   'P 21 21 21'
#
loop_
_entity.id
_entity.type
_entity.pdbx_description
1 polymer 'DNA damage-binding protein 1'
2 non-polymer 'L(+)-TARTARIC ACID'
3 non-polymer 5-(4-methoxyphenyl)-3-[(3S)-pyrrolidin-3-yl]-1,2,4-oxadiazole
4 non-polymer 'UNKNOWN ATOM OR ION'
5 water water
#
_entity_poly.entity_id   1
_entity_poly.type   'polypeptide(L)'
_entity_poly.pdbx_seq_one_letter_code
;GSMSYNYVVTAQKPTAVNGCVTGHFTSAEDLNLLIAKNTRLEIYVVTAEGLRPVKEVGMYGKIAVMELFRPKGESKDLLF
ILTAKYNACILEYKQSGESIDIITRAHGNVQDRIGRPSETGIIGIIDPECRMIGLRLYDGLFKVIPLDRDNKELKAFNIR
LEELHVIDVKFLYGCQAPTICFVYQDPQGRHVKTYEVSLREKEFNKGPWKQENVEAEASMVIAVPEPFGGAIIIGQESIT
YHNGDKYLAIAPPIIKQSTIVCHNRVDPNGSRYLLGDMEGRLFMLLLEKEEQMDGTVTLKDLRVELLGETSIAECLTYLD
NGVVFVGSRLGDSQLVKLNVDSNEQGSYVVAMETFTNLGPIVDMCVVDLERQGQGQLVTCSGAFKEGSLRIIRNGIGIHE
HASIDLPGIKGLWPLRSDPNRETDDTLVLSFVGQTRVLMLNGEEVEETELMGFVDDQQTFFCGNVAHQQLIQITSASVRL
VSQEPKALVSEWKEPQAKNISVASCNSSQVVVAVGRALYYLQIHPQELRQISHTEMEHEVACLDITPLGDSNGLSPLCAI
GLWTDISARILKLPSFELLHKEMLGGEIIPRSILMTTFESSHYLLCALGDGALFYFGLNIETGLLSDRKKVTLGTQPTVL
RTFRSLSTTNVFACSDRPTVIYSSNHKLVFSNVNLKEVNYMCPLNSDGYPDSLALANNSTLTIGTIDEIQKLHIRTVPLY
ESPRKICYQEVSQCFGVLSSRIEVQDTSGGTTALRPSASTQALSSSVSSSKLFSSSTAPHETSFGEEVEVHNLLIIDQHT
FEVLHAHQFLQNEYALSLVSCKLGKDPNTYFIVGTAMVYPEEAEPKQGRIVVFQYSDGKLQTVAEKEVKGAVYSMVEFNG
KLLASINSTVRLYEWTTEKELRTECNHYNNIMALYLKTKGDFILVGDLMRSVLLLAYKPMEGNFEEIARDFNPNWMSAVE
ILDDDNFLGAENAFNLFVCQKDSAATTDEERQHLQEVGLFHLGEFVNVFCHGSLVMQNLGETSTPTQGSVLFGTVNGMIG
LVTSLSESWYNLLLDMQNRLNKVIKSVGKIEHSFWRSFHTERKTEPATGFIDGDLIESFLDISRPKMQEVVANLQYDDGS
GMKREATADDLIKVVEELTRIH
;
_entity_poly.pdbx_strand_id   A
#
# COMPACT_ATOMS: atom_id res chain seq x y z
N SER A 4 19.31 20.18 11.57
CA SER A 4 18.10 19.86 10.76
C SER A 4 17.19 18.95 11.58
N TYR A 5 15.89 19.26 11.58
CA TYR A 5 14.91 18.44 12.28
C TYR A 5 13.82 18.06 11.28
N ASN A 6 13.76 16.78 10.92
CA ASN A 6 12.88 16.30 9.88
C ASN A 6 12.10 15.09 10.38
N TYR A 7 10.95 14.86 9.74
CA TYR A 7 9.99 13.83 10.09
C TYR A 7 9.55 13.15 8.79
N VAL A 8 9.68 11.82 8.72
CA VAL A 8 9.39 11.09 7.49
C VAL A 8 8.32 10.04 7.81
N VAL A 9 7.29 9.96 6.96
CA VAL A 9 6.16 9.08 7.23
C VAL A 9 5.63 8.51 5.93
N THR A 10 5.05 7.30 6.05
CA THR A 10 4.49 6.56 4.92
C THR A 10 3.09 7.07 4.62
N ALA A 11 2.85 7.47 3.38
CA ALA A 11 1.52 7.83 2.93
C ALA A 11 0.88 6.64 2.19
N GLN A 12 1.71 5.87 1.47
CA GLN A 12 1.26 4.64 0.84
C GLN A 12 2.38 3.63 0.98
N LYS A 13 2.03 2.47 1.58
CA LYS A 13 2.97 1.40 1.80
C LYS A 13 3.39 0.80 0.47
N PRO A 14 4.59 0.17 0.40
CA PRO A 14 5.02 -0.49 -0.83
C PRO A 14 3.99 -1.50 -1.34
N THR A 15 3.74 -1.49 -2.66
CA THR A 15 2.72 -2.33 -3.29
C THR A 15 3.36 -3.41 -4.16
N ALA A 16 4.64 -3.22 -4.54
CA ALA A 16 5.32 -4.14 -5.42
C ALA A 16 5.58 -5.45 -4.68
N VAL A 17 5.46 -6.57 -5.38
CA VAL A 17 5.67 -7.86 -4.74
C VAL A 17 7.11 -8.32 -5.00
N ASN A 18 7.90 -8.49 -3.92
CA ASN A 18 9.29 -8.87 -4.04
C ASN A 18 9.46 -10.38 -3.88
N GLY A 19 8.45 -11.07 -3.32
CA GLY A 19 8.51 -12.51 -3.25
C GLY A 19 7.25 -13.10 -2.60
N CYS A 20 7.07 -14.41 -2.78
CA CYS A 20 5.81 -15.05 -2.42
C CYS A 20 6.14 -16.52 -2.08
N VAL A 21 5.56 -17.07 -0.99
CA VAL A 21 5.69 -18.49 -0.65
C VAL A 21 4.35 -19.04 -0.12
N THR A 22 4.21 -20.37 -0.21
CA THR A 22 3.03 -21.08 0.25
C THR A 22 3.47 -22.21 1.18
N GLY A 23 2.56 -22.57 2.08
CA GLY A 23 2.77 -23.64 3.04
C GLY A 23 1.76 -23.56 4.18
N HIS A 24 2.08 -24.25 5.28
CA HIS A 24 1.20 -24.43 6.41
C HIS A 24 1.80 -23.75 7.62
N PHE A 25 1.64 -22.43 7.70
CA PHE A 25 2.30 -21.59 8.69
C PHE A 25 1.35 -21.24 9.83
N THR A 26 0.11 -20.84 9.50
CA THR A 26 -0.84 -20.41 10.51
C THR A 26 -1.37 -21.62 11.30
N SER A 27 -1.60 -22.75 10.61
CA SER A 27 -1.87 -24.01 11.30
C SER A 27 -1.50 -25.16 10.37
N ALA A 28 -1.56 -26.39 10.92
CA ALA A 28 -1.18 -27.60 10.20
C ALA A 28 -2.01 -27.79 8.92
N GLU A 29 -3.30 -27.39 8.95
CA GLU A 29 -4.22 -27.72 7.87
C GLU A 29 -4.56 -26.51 7.01
N ASP A 30 -4.20 -25.30 7.46
CA ASP A 30 -4.34 -24.12 6.61
C ASP A 30 -3.33 -24.18 5.46
N LEU A 31 -3.77 -23.85 4.24
CA LEU A 31 -2.85 -23.50 3.18
C LEU A 31 -2.68 -21.98 3.20
N ASN A 32 -1.43 -21.52 3.28
CA ASN A 32 -1.13 -20.09 3.41
C ASN A 32 -0.42 -19.56 2.18
N LEU A 33 -0.67 -18.28 1.87
CA LEU A 33 0.15 -17.51 0.96
C LEU A 33 0.82 -16.42 1.79
N LEU A 34 2.15 -16.34 1.72
CA LEU A 34 2.91 -15.26 2.33
C LEU A 34 3.46 -14.37 1.22
N ILE A 35 3.29 -13.05 1.37
CA ILE A 35 3.74 -12.10 0.36
C ILE A 35 4.66 -11.10 1.04
N ALA A 36 5.86 -10.92 0.48
CA ALA A 36 6.79 -9.91 0.94
C ALA A 36 6.64 -8.67 0.07
N LYS A 37 6.29 -7.54 0.69
CA LYS A 37 6.28 -6.25 0.02
C LYS A 37 7.34 -5.37 0.68
N ASN A 38 8.60 -5.69 0.40
CA ASN A 38 9.76 -4.96 0.91
C ASN A 38 9.84 -5.14 2.42
N THR A 39 9.30 -4.17 3.17
CA THR A 39 9.38 -4.13 4.62
C THR A 39 8.17 -4.82 5.25
N ARG A 40 7.17 -5.20 4.44
CA ARG A 40 5.92 -5.74 4.92
C ARG A 40 5.76 -7.22 4.57
N LEU A 41 5.21 -7.98 5.51
CA LEU A 41 4.88 -9.38 5.29
C LEU A 41 3.37 -9.55 5.44
N GLU A 42 2.71 -10.04 4.39
CA GLU A 42 1.27 -10.29 4.41
C GLU A 42 1.00 -11.79 4.43
N ILE A 43 0.14 -12.23 5.36
CA ILE A 43 -0.18 -13.63 5.52
C ILE A 43 -1.66 -13.84 5.18
N TYR A 44 -1.93 -14.85 4.35
CA TYR A 44 -3.26 -15.18 3.89
C TYR A 44 -3.51 -16.67 4.12
N VAL A 45 -4.79 -17.01 4.35
CA VAL A 45 -5.30 -18.37 4.22
C VAL A 45 -6.00 -18.47 2.86
N VAL A 46 -5.64 -19.51 2.11
CA VAL A 46 -6.22 -19.77 0.81
C VAL A 46 -7.51 -20.57 1.00
N THR A 47 -8.59 -20.12 0.35
CA THR A 47 -9.89 -20.78 0.38
C THR A 47 -10.37 -21.02 -1.05
N ALA A 48 -11.53 -21.69 -1.16
CA ALA A 48 -12.27 -21.76 -2.40
C ALA A 48 -12.89 -20.39 -2.73
N GLU A 49 -13.17 -19.59 -1.68
CA GLU A 49 -13.61 -18.21 -1.87
C GLU A 49 -12.48 -17.38 -2.47
N GLY A 50 -11.26 -17.50 -1.91
CA GLY A 50 -10.10 -16.75 -2.37
C GLY A 50 -9.09 -16.57 -1.25
N LEU A 51 -8.47 -15.38 -1.18
CA LEU A 51 -7.46 -15.08 -0.18
C LEU A 51 -8.09 -14.31 0.99
N ARG A 52 -8.08 -14.93 2.18
N ARG A 52 -8.09 -14.93 2.18
CA ARG A 52 -8.51 -14.29 3.41
CA ARG A 52 -8.51 -14.28 3.41
C ARG A 52 -7.29 -13.74 4.16
C ARG A 52 -7.30 -13.74 4.15
N PRO A 53 -7.18 -12.40 4.36
CA PRO A 53 -6.07 -11.85 5.13
C PRO A 53 -6.21 -12.20 6.61
N VAL A 54 -5.12 -12.68 7.23
CA VAL A 54 -5.17 -13.02 8.64
C VAL A 54 -4.21 -12.14 9.43
N LYS A 55 -3.06 -11.77 8.84
CA LYS A 55 -2.06 -11.04 9.60
C LYS A 55 -1.08 -10.35 8.67
N GLU A 56 -0.79 -9.08 8.98
CA GLU A 56 0.21 -8.32 8.26
C GLU A 56 1.13 -7.68 9.29
N VAL A 57 2.45 -7.86 9.13
CA VAL A 57 3.43 -7.29 10.02
C VAL A 57 4.47 -6.50 9.22
N GLY A 58 5.01 -5.46 9.88
CA GLY A 58 6.20 -4.75 9.44
C GLY A 58 7.45 -5.36 10.07
N MET A 59 8.52 -5.45 9.26
CA MET A 59 9.86 -5.75 9.75
C MET A 59 10.66 -4.45 9.78
N TYR A 60 11.62 -4.37 10.70
CA TYR A 60 12.62 -3.32 10.65
C TYR A 60 13.74 -3.77 9.71
N GLY A 61 13.39 -3.94 8.43
CA GLY A 61 14.33 -4.43 7.44
C GLY A 61 13.63 -4.70 6.11
N LYS A 62 14.43 -4.66 5.05
CA LYS A 62 14.00 -5.10 3.72
C LYS A 62 14.10 -6.62 3.66
N ILE A 63 13.00 -7.30 3.31
CA ILE A 63 13.03 -8.76 3.25
C ILE A 63 13.79 -9.17 1.99
N ALA A 64 14.92 -9.87 2.18
CA ALA A 64 15.73 -10.36 1.06
C ALA A 64 15.48 -11.85 0.82
N VAL A 65 15.24 -12.59 1.91
CA VAL A 65 15.01 -14.02 1.85
C VAL A 65 13.80 -14.34 2.71
N MET A 66 12.93 -15.20 2.17
CA MET A 66 11.71 -15.62 2.85
C MET A 66 11.44 -17.07 2.45
N GLU A 67 11.60 -18.01 3.39
CA GLU A 67 11.35 -19.42 3.10
C GLU A 67 10.69 -20.10 4.29
N LEU A 68 9.65 -20.89 3.98
CA LEU A 68 9.04 -21.81 4.93
C LEU A 68 9.79 -23.14 4.94
N PHE A 69 9.84 -23.75 6.13
CA PHE A 69 10.45 -25.05 6.32
C PHE A 69 9.85 -25.74 7.55
N ARG A 70 9.98 -27.07 7.59
CA ARG A 70 9.31 -27.90 8.59
C ARG A 70 10.34 -28.76 9.32
N PRO A 71 10.82 -28.34 10.51
CA PRO A 71 11.68 -29.19 11.32
C PRO A 71 11.08 -30.57 11.59
N LYS A 72 11.94 -31.60 11.63
CA LYS A 72 11.50 -32.98 11.68
C LYS A 72 10.50 -33.19 12.82
N GLY A 73 9.37 -33.82 12.47
CA GLY A 73 8.29 -34.13 13.39
C GLY A 73 7.72 -32.85 14.05
N GLU A 74 7.19 -31.97 13.21
N GLU A 74 7.03 -32.01 13.28
CA GLU A 74 6.40 -30.84 13.64
CA GLU A 74 6.73 -30.65 13.73
C GLU A 74 5.17 -30.79 12.74
C GLU A 74 5.25 -30.28 13.61
N SER A 75 4.09 -30.20 13.27
N SER A 75 4.64 -30.55 12.45
CA SER A 75 2.84 -30.15 12.53
CA SER A 75 3.21 -30.31 12.26
C SER A 75 2.79 -28.90 11.64
C SER A 75 2.93 -28.99 11.55
N LYS A 76 3.72 -27.95 11.87
CA LYS A 76 3.53 -26.60 11.37
C LYS A 76 4.87 -26.03 10.87
N ASP A 77 4.84 -25.33 9.73
CA ASP A 77 6.04 -24.69 9.20
C ASP A 77 6.52 -23.56 10.10
N LEU A 78 7.85 -23.35 10.10
CA LEU A 78 8.45 -22.14 10.62
C LEU A 78 8.87 -21.26 9.43
N LEU A 79 9.15 -19.99 9.71
CA LEU A 79 9.47 -19.02 8.67
C LEU A 79 10.88 -18.50 8.88
N PHE A 80 11.75 -18.65 7.86
CA PHE A 80 13.08 -18.03 7.87
C PHE A 80 13.04 -16.75 7.04
N ILE A 81 13.52 -15.67 7.67
CA ILE A 81 13.67 -14.36 7.02
C ILE A 81 15.10 -13.89 7.16
N LEU A 82 15.65 -13.36 6.06
CA LEU A 82 16.89 -12.58 6.08
C LEU A 82 16.56 -11.21 5.52
N THR A 83 17.06 -10.16 6.19
CA THR A 83 16.93 -8.81 5.69
C THR A 83 18.16 -8.43 4.88
N ALA A 84 18.04 -7.34 4.09
CA ALA A 84 19.12 -6.78 3.30
C ALA A 84 20.31 -6.33 4.17
N LYS A 85 20.06 -6.05 5.46
CA LYS A 85 21.14 -5.74 6.40
C LYS A 85 21.60 -6.99 7.19
N TYR A 86 21.20 -8.18 6.73
CA TYR A 86 21.74 -9.45 7.20
C TYR A 86 21.21 -9.80 8.60
N ASN A 87 20.03 -9.26 8.95
CA ASN A 87 19.26 -9.74 10.09
C ASN A 87 18.59 -11.07 9.75
N ALA A 88 18.94 -12.13 10.48
CA ALA A 88 18.38 -13.44 10.23
C ALA A 88 17.44 -13.80 11.38
N CYS A 89 16.32 -14.44 11.06
CA CYS A 89 15.43 -14.91 12.13
C CYS A 89 14.64 -16.15 11.70
N ILE A 90 14.21 -16.92 12.69
CA ILE A 90 13.21 -17.96 12.51
C ILE A 90 11.97 -17.55 13.29
N LEU A 91 10.81 -17.53 12.61
CA LEU A 91 9.55 -17.04 13.16
C LEU A 91 8.52 -18.16 13.23
N GLU A 92 7.68 -18.11 14.27
CA GLU A 92 6.54 -19.00 14.43
C GLU A 92 5.27 -18.16 14.60
N TYR A 93 4.20 -18.63 13.93
CA TYR A 93 2.87 -18.03 14.05
C TYR A 93 2.10 -18.73 15.19
N LYS A 94 1.72 -17.94 16.21
CA LYS A 94 0.98 -18.45 17.36
C LYS A 94 -0.32 -17.65 17.53
N GLN A 95 -1.43 -18.38 17.62
CA GLN A 95 -2.73 -17.77 17.91
C GLN A 95 -3.21 -18.23 19.28
N SER A 96 -3.23 -17.30 20.24
CA SER A 96 -3.75 -17.54 21.58
C SER A 96 -5.16 -16.96 21.68
N GLY A 97 -6.15 -17.75 21.24
CA GLY A 97 -7.54 -17.32 21.20
C GLY A 97 -7.76 -16.24 20.14
N GLU A 98 -7.96 -15.01 20.60
CA GLU A 98 -8.24 -13.88 19.72
C GLU A 98 -6.93 -13.29 19.22
N SER A 99 -5.90 -13.24 20.09
CA SER A 99 -4.64 -12.59 19.79
C SER A 99 -3.78 -13.45 18.86
N ILE A 100 -3.10 -12.79 17.92
CA ILE A 100 -2.18 -13.43 17.00
C ILE A 100 -0.78 -12.87 17.27
N ASP A 101 0.21 -13.75 17.44
CA ASP A 101 1.56 -13.31 17.70
C ASP A 101 2.55 -14.06 16.80
N ILE A 102 3.46 -13.26 16.20
CA ILE A 102 4.66 -13.75 15.55
C ILE A 102 5.78 -13.80 16.58
N ILE A 103 6.23 -15.01 16.93
CA ILE A 103 7.27 -15.18 17.93
C ILE A 103 8.61 -15.46 17.23
N THR A 104 9.68 -14.85 17.76
CA THR A 104 11.03 -15.04 17.26
C THR A 104 11.67 -16.21 18.02
N ARG A 105 11.89 -17.33 17.32
CA ARG A 105 12.46 -18.53 17.91
C ARG A 105 13.98 -18.52 17.85
N ALA A 106 14.54 -17.74 16.91
CA ALA A 106 15.98 -17.60 16.76
C ALA A 106 16.26 -16.32 15.99
N HIS A 107 17.43 -15.71 16.26
CA HIS A 107 17.82 -14.52 15.53
C HIS A 107 19.31 -14.27 15.68
N GLY A 108 19.86 -13.55 14.71
CA GLY A 108 21.23 -13.06 14.76
C GLY A 108 21.59 -12.39 13.44
N ASN A 109 22.64 -11.57 13.46
CA ASN A 109 23.09 -10.89 12.27
C ASN A 109 24.24 -11.68 11.67
N VAL A 110 24.17 -11.96 10.36
CA VAL A 110 25.08 -12.91 9.75
C VAL A 110 26.05 -12.22 8.80
N GLN A 111 26.15 -10.89 8.90
CA GLN A 111 27.11 -10.15 8.09
C GLN A 111 28.51 -10.65 8.40
N ASP A 112 29.40 -10.68 7.39
CA ASP A 112 30.83 -10.85 7.59
C ASP A 112 31.50 -9.48 7.67
N ARG A 113 32.74 -9.44 8.20
CA ARG A 113 33.50 -8.20 8.30
C ARG A 113 34.05 -7.79 6.93
N ILE A 114 34.90 -8.63 6.35
CA ILE A 114 35.32 -8.46 4.97
C ILE A 114 34.15 -8.95 4.12
N GLY A 115 33.92 -8.29 2.98
CA GLY A 115 32.94 -8.78 2.02
C GLY A 115 32.29 -7.65 1.23
N ARG A 116 32.39 -7.77 -0.10
CA ARG A 116 31.61 -6.96 -1.02
C ARG A 116 30.38 -7.77 -1.41
N PRO A 117 29.15 -7.26 -1.16
CA PRO A 117 27.93 -7.98 -1.53
C PRO A 117 28.04 -8.51 -2.95
N SER A 118 27.65 -9.78 -3.15
CA SER A 118 27.58 -10.32 -4.49
C SER A 118 26.71 -9.42 -5.37
N GLU A 119 27.18 -9.17 -6.60
CA GLU A 119 26.48 -8.29 -7.54
C GLU A 119 25.14 -8.92 -7.93
N THR A 120 25.06 -10.26 -7.92
CA THR A 120 23.86 -11.00 -8.33
C THR A 120 22.89 -11.23 -7.15
N GLY A 121 23.20 -10.66 -5.98
CA GLY A 121 22.23 -10.58 -4.89
C GLY A 121 22.36 -11.71 -3.88
N ILE A 122 21.70 -11.52 -2.75
CA ILE A 122 21.58 -12.54 -1.71
C ILE A 122 20.76 -13.71 -2.24
N ILE A 123 21.27 -14.92 -2.02
CA ILE A 123 20.49 -16.13 -2.20
C ILE A 123 20.50 -16.88 -0.88
N GLY A 124 19.31 -17.32 -0.46
CA GLY A 124 19.15 -18.14 0.72
C GLY A 124 18.30 -19.36 0.41
N ILE A 125 18.79 -20.53 0.82
CA ILE A 125 18.13 -21.80 0.54
C ILE A 125 18.15 -22.65 1.81
N ILE A 126 17.24 -23.62 1.87
CA ILE A 126 17.09 -24.51 3.02
C ILE A 126 16.95 -25.93 2.52
N ASP A 127 17.70 -26.86 3.12
CA ASP A 127 17.72 -28.19 2.53
C ASP A 127 16.42 -28.91 2.87
N PRO A 128 15.98 -29.87 2.02
CA PRO A 128 14.72 -30.58 2.25
C PRO A 128 14.63 -31.28 3.60
N GLU A 129 15.77 -31.70 4.15
CA GLU A 129 15.82 -32.39 5.44
C GLU A 129 15.97 -31.40 6.59
N CYS A 130 15.95 -30.08 6.28
CA CYS A 130 16.05 -29.03 7.29
C CYS A 130 17.25 -29.25 8.22
N ARG A 131 18.41 -29.57 7.63
CA ARG A 131 19.63 -29.72 8.40
C ARG A 131 20.37 -28.37 8.45
N MET A 132 20.14 -27.52 7.45
CA MET A 132 20.86 -26.26 7.41
C MET A 132 20.17 -25.24 6.52
N ILE A 133 20.51 -23.97 6.77
CA ILE A 133 20.26 -22.89 5.85
C ILE A 133 21.59 -22.59 5.16
N GLY A 134 21.52 -22.34 3.86
CA GLY A 134 22.68 -21.93 3.09
C GLY A 134 22.46 -20.54 2.52
N LEU A 135 23.50 -19.70 2.63
CA LEU A 135 23.42 -18.31 2.16
C LEU A 135 24.60 -18.00 1.26
N ARG A 136 24.31 -17.45 0.07
CA ARG A 136 25.29 -16.84 -0.80
C ARG A 136 25.13 -15.33 -0.63
N LEU A 137 26.03 -14.75 0.17
CA LEU A 137 26.03 -13.32 0.47
C LEU A 137 27.12 -12.60 -0.32
N TYR A 138 28.31 -13.24 -0.41
CA TYR A 138 29.50 -12.66 -1.04
C TYR A 138 30.10 -13.69 -1.99
N ASP A 139 30.74 -13.22 -3.07
CA ASP A 139 31.41 -14.09 -4.00
C ASP A 139 32.53 -14.87 -3.28
N GLY A 140 32.60 -16.17 -3.54
CA GLY A 140 33.69 -17.01 -3.05
C GLY A 140 33.44 -17.63 -1.67
N LEU A 141 32.25 -17.36 -1.08
CA LEU A 141 31.91 -17.90 0.23
C LEU A 141 30.48 -18.44 0.22
N PHE A 142 30.27 -19.57 0.92
CA PHE A 142 28.96 -20.12 1.16
C PHE A 142 28.76 -20.23 2.65
N LYS A 143 27.75 -19.53 3.19
CA LYS A 143 27.55 -19.46 4.62
C LYS A 143 26.53 -20.52 5.00
N VAL A 144 26.83 -21.27 6.08
CA VAL A 144 25.99 -22.35 6.54
C VAL A 144 25.51 -22.04 7.96
N ILE A 145 24.18 -22.08 8.16
CA ILE A 145 23.58 -22.01 9.48
C ILE A 145 22.99 -23.38 9.84
N PRO A 146 23.62 -24.16 10.74
CA PRO A 146 23.05 -25.42 11.20
C PRO A 146 21.72 -25.13 11.88
N LEU A 147 20.71 -25.97 11.61
CA LEU A 147 19.39 -25.79 12.18
C LEU A 147 19.18 -26.68 13.42
N ASP A 148 20.15 -26.74 14.34
CA ASP A 148 19.91 -27.26 15.68
C ASP A 148 18.89 -26.37 16.38
N ARG A 149 18.05 -26.98 17.22
CA ARG A 149 17.15 -26.23 18.09
C ARG A 149 17.95 -25.34 19.04
N ASP A 150 19.18 -25.76 19.35
CA ASP A 150 20.06 -25.05 20.26
C ASP A 150 20.65 -23.79 19.63
N ASN A 151 20.64 -23.68 18.31
CA ASN A 151 21.35 -22.63 17.60
C ASN A 151 20.49 -21.37 17.52
N LYS A 152 20.13 -20.84 18.70
CA LYS A 152 19.15 -19.78 18.83
C LYS A 152 19.75 -18.45 18.35
N GLU A 153 21.08 -18.33 18.36
CA GLU A 153 21.75 -17.12 17.89
C GLU A 153 22.09 -17.20 16.40
N LEU A 154 21.67 -18.29 15.74
CA LEU A 154 21.92 -18.48 14.31
C LEU A 154 23.41 -18.30 14.01
N LYS A 155 24.26 -18.97 14.79
CA LYS A 155 25.70 -18.98 14.54
C LYS A 155 25.98 -19.79 13.28
N ALA A 156 26.95 -19.31 12.50
CA ALA A 156 27.17 -19.79 11.16
C ALA A 156 28.67 -20.02 10.93
N PHE A 157 28.99 -20.77 9.88
CA PHE A 157 30.37 -20.84 9.42
C PHE A 157 30.39 -20.67 7.90
N ASN A 158 31.54 -20.23 7.40
CA ASN A 158 31.79 -20.00 5.99
C ASN A 158 32.58 -21.17 5.42
N ILE A 159 32.19 -21.57 4.20
CA ILE A 159 32.95 -22.49 3.38
C ILE A 159 33.46 -21.72 2.17
N ARG A 160 34.75 -21.89 1.87
CA ARG A 160 35.32 -21.38 0.64
C ARG A 160 34.60 -22.02 -0.55
N LEU A 161 34.16 -21.17 -1.48
CA LEU A 161 33.60 -21.65 -2.73
C LEU A 161 34.54 -21.23 -3.85
N GLU A 162 35.17 -22.21 -4.49
CA GLU A 162 36.15 -21.98 -5.54
C GLU A 162 35.54 -21.21 -6.71
N GLU A 163 34.30 -21.55 -7.04
CA GLU A 163 33.57 -20.87 -8.10
C GLU A 163 33.07 -19.51 -7.61
N LEU A 164 33.66 -18.44 -8.17
CA LEU A 164 33.48 -17.07 -7.69
C LEU A 164 32.15 -16.48 -8.15
N HIS A 165 31.67 -16.87 -9.32
CA HIS A 165 30.52 -16.25 -9.95
C HIS A 165 29.39 -17.28 -10.06
N VAL A 166 28.61 -17.40 -8.98
CA VAL A 166 27.47 -18.30 -8.94
C VAL A 166 26.23 -17.55 -9.44
N ILE A 167 25.51 -18.19 -10.37
CA ILE A 167 24.31 -17.58 -10.96
C ILE A 167 23.09 -17.98 -10.13
N ASP A 168 22.94 -19.28 -9.84
CA ASP A 168 21.88 -19.75 -8.95
C ASP A 168 22.34 -21.03 -8.27
N VAL A 169 21.66 -21.34 -7.14
CA VAL A 169 21.97 -22.51 -6.35
C VAL A 169 20.71 -22.99 -5.62
N LYS A 170 20.60 -24.33 -5.49
CA LYS A 170 19.55 -24.97 -4.74
C LYS A 170 20.11 -26.21 -4.03
N PHE A 171 19.46 -26.59 -2.92
CA PHE A 171 19.63 -27.89 -2.30
C PHE A 171 18.79 -28.93 -3.05
N LEU A 172 19.39 -30.10 -3.32
CA LEU A 172 18.73 -31.18 -4.02
C LEU A 172 17.94 -32.06 -3.05
N TYR A 173 16.89 -32.68 -3.58
CA TYR A 173 16.12 -33.70 -2.88
C TYR A 173 16.79 -35.06 -3.05
N GLY A 174 16.50 -35.97 -2.12
CA GLY A 174 16.79 -37.39 -2.27
C GLY A 174 18.26 -37.74 -2.07
N CYS A 175 18.98 -36.95 -1.25
CA CYS A 175 20.41 -37.15 -1.05
C CYS A 175 20.67 -37.57 0.39
N GLN A 176 21.70 -38.38 0.63
CA GLN A 176 22.04 -38.86 1.96
C GLN A 176 22.69 -37.74 2.78
N ALA A 177 23.46 -36.89 2.09
CA ALA A 177 24.04 -35.71 2.70
C ALA A 177 23.44 -34.48 2.03
N PRO A 178 23.31 -33.35 2.75
CA PRO A 178 22.87 -32.08 2.14
C PRO A 178 23.76 -31.79 0.95
N THR A 179 23.13 -31.48 -0.21
CA THR A 179 23.80 -31.39 -1.49
C THR A 179 23.31 -30.17 -2.25
N ILE A 180 24.25 -29.32 -2.69
CA ILE A 180 23.89 -28.14 -3.46
C ILE A 180 24.18 -28.42 -4.92
N CYS A 181 23.34 -27.82 -5.78
CA CYS A 181 23.50 -27.85 -7.22
C CYS A 181 23.47 -26.39 -7.67
N PHE A 182 24.49 -25.95 -8.43
CA PHE A 182 24.56 -24.56 -8.81
C PHE A 182 25.11 -24.39 -10.22
N VAL A 183 24.71 -23.29 -10.85
CA VAL A 183 25.29 -22.83 -12.09
C VAL A 183 26.32 -21.74 -11.80
N TYR A 184 27.51 -21.85 -12.39
CA TYR A 184 28.52 -20.83 -12.24
C TYR A 184 29.10 -20.49 -13.60
N GLN A 185 29.73 -19.32 -13.68
CA GLN A 185 30.35 -18.82 -14.89
C GLN A 185 31.84 -18.61 -14.67
N ASP A 186 32.64 -19.02 -15.66
CA ASP A 186 34.08 -18.81 -15.71
C ASP A 186 34.44 -18.43 -17.14
N PRO A 187 35.74 -18.20 -17.49
CA PRO A 187 36.13 -17.92 -18.87
C PRO A 187 35.69 -18.97 -19.90
N GLN A 188 35.62 -20.25 -19.47
CA GLN A 188 35.26 -21.34 -20.35
C GLN A 188 33.75 -21.47 -20.56
N GLY A 189 32.95 -20.55 -19.98
CA GLY A 189 31.50 -20.56 -20.13
C GLY A 189 30.76 -20.86 -18.82
N ARG A 190 29.52 -21.34 -18.93
CA ARG A 190 28.69 -21.68 -17.79
C ARG A 190 28.62 -23.19 -17.61
N HIS A 191 28.51 -23.59 -16.34
CA HIS A 191 28.60 -24.98 -15.95
C HIS A 191 27.65 -25.22 -14.76
N VAL A 192 27.19 -26.47 -14.62
CA VAL A 192 26.44 -26.91 -13.46
C VAL A 192 27.33 -27.86 -12.68
N LYS A 193 27.31 -27.74 -11.35
CA LYS A 193 28.14 -28.56 -10.48
C LYS A 193 27.38 -28.84 -9.18
N THR A 194 27.82 -29.88 -8.46
CA THR A 194 27.25 -30.22 -7.17
C THR A 194 28.38 -30.31 -6.13
N TYR A 195 28.00 -30.12 -4.87
CA TYR A 195 28.86 -30.38 -3.72
C TYR A 195 28.00 -30.93 -2.60
N GLU A 196 28.53 -31.88 -1.82
CA GLU A 196 27.92 -32.17 -0.53
C GLU A 196 28.47 -31.19 0.50
N VAL A 197 27.64 -30.90 1.50
CA VAL A 197 28.01 -30.00 2.58
C VAL A 197 28.12 -30.83 3.86
N SER A 198 29.36 -31.01 4.35
CA SER A 198 29.62 -31.76 5.57
C SER A 198 29.57 -30.85 6.80
N LEU A 199 28.62 -31.11 7.70
CA LEU A 199 28.56 -30.42 8.97
C LEU A 199 29.75 -30.84 9.85
N ARG A 200 30.15 -32.11 9.73
N ARG A 200 30.15 -32.12 9.73
CA ARG A 200 31.25 -32.67 10.51
CA ARG A 200 31.24 -32.67 10.51
C ARG A 200 32.55 -31.96 10.18
C ARG A 200 32.55 -31.96 10.18
N GLU A 201 32.81 -31.71 8.88
CA GLU A 201 34.08 -31.14 8.44
C GLU A 201 34.00 -29.63 8.23
N LYS A 202 32.79 -29.05 8.24
CA LYS A 202 32.59 -27.66 7.88
C LYS A 202 33.23 -27.33 6.53
N GLU A 203 32.94 -28.16 5.53
N GLU A 203 33.02 -28.22 5.55
CA GLU A 203 33.60 -28.08 4.24
CA GLU A 203 33.62 -28.10 4.24
C GLU A 203 32.73 -28.80 3.21
C GLU A 203 32.66 -28.72 3.21
N PHE A 204 32.99 -28.54 1.93
CA PHE A 204 32.34 -29.26 0.84
C PHE A 204 33.01 -30.63 0.67
N ASN A 205 32.22 -31.62 0.25
CA ASN A 205 32.73 -32.89 -0.26
C ASN A 205 32.30 -33.01 -1.71
N LYS A 206 32.84 -34.00 -2.42
CA LYS A 206 32.53 -34.20 -3.84
C LYS A 206 31.03 -34.44 -3.99
N GLY A 207 30.42 -33.78 -4.97
CA GLY A 207 28.99 -33.91 -5.23
C GLY A 207 28.68 -35.26 -5.88
N PRO A 208 27.40 -35.69 -5.92
CA PRO A 208 27.05 -37.00 -6.46
C PRO A 208 27.10 -37.15 -7.99
N TRP A 209 27.20 -36.04 -8.73
CA TRP A 209 27.36 -36.16 -10.16
C TRP A 209 28.32 -35.12 -10.72
N LYS A 210 28.95 -35.49 -11.84
CA LYS A 210 30.02 -34.72 -12.44
C LYS A 210 29.45 -33.43 -13.00
N GLN A 211 30.31 -32.43 -13.16
CA GLN A 211 29.85 -31.15 -13.66
C GLN A 211 29.55 -31.30 -15.14
N GLU A 212 28.70 -30.41 -15.66
CA GLU A 212 28.40 -30.37 -17.07
C GLU A 212 28.46 -28.91 -17.54
N ASN A 213 28.91 -28.73 -18.79
CA ASN A 213 28.71 -27.49 -19.50
C ASN A 213 27.20 -27.34 -19.76
N VAL A 214 26.70 -26.11 -19.57
CA VAL A 214 25.30 -25.78 -19.82
C VAL A 214 25.28 -24.58 -20.76
N GLU A 215 24.08 -24.12 -21.10
CA GLU A 215 23.89 -23.01 -22.00
C GLU A 215 24.54 -21.75 -21.46
N ALA A 216 24.95 -20.88 -22.39
CA ALA A 216 25.63 -19.63 -22.08
C ALA A 216 24.77 -18.73 -21.18
N GLU A 217 23.44 -18.81 -21.30
CA GLU A 217 22.57 -17.95 -20.51
C GLU A 217 21.73 -18.76 -19.51
N ALA A 218 22.25 -19.92 -19.06
CA ALA A 218 21.59 -20.68 -18.00
C ALA A 218 21.49 -19.80 -16.75
N SER A 219 20.29 -19.62 -16.19
CA SER A 219 20.10 -18.61 -15.14
C SER A 219 19.36 -19.13 -13.91
N MET A 220 18.64 -20.26 -13.98
CA MET A 220 17.85 -20.71 -12.84
C MET A 220 17.98 -22.22 -12.64
N VAL A 221 18.09 -22.60 -11.37
CA VAL A 221 18.17 -23.98 -10.93
C VAL A 221 16.87 -24.32 -10.22
N ILE A 222 16.24 -25.42 -10.65
CA ILE A 222 15.08 -25.99 -9.98
C ILE A 222 15.46 -27.38 -9.46
N ALA A 223 15.33 -27.58 -8.15
CA ALA A 223 15.50 -28.88 -7.52
C ALA A 223 14.18 -29.65 -7.57
N VAL A 224 14.20 -30.83 -8.20
CA VAL A 224 12.96 -31.54 -8.46
C VAL A 224 12.74 -32.54 -7.34
N PRO A 225 11.56 -32.59 -6.70
CA PRO A 225 11.34 -33.54 -5.58
C PRO A 225 11.36 -34.99 -6.06
N GLU A 226 11.39 -35.90 -5.09
CA GLU A 226 11.19 -37.31 -5.37
C GLU A 226 9.81 -37.49 -5.99
N PRO A 227 9.57 -38.49 -6.86
CA PRO A 227 10.59 -39.51 -7.19
C PRO A 227 11.61 -39.22 -8.28
N PHE A 228 11.53 -38.06 -8.95
CA PHE A 228 12.52 -37.73 -9.96
C PHE A 228 13.90 -37.46 -9.34
N GLY A 229 13.93 -36.60 -8.33
CA GLY A 229 15.19 -35.99 -7.91
C GLY A 229 15.80 -35.17 -9.03
N GLY A 230 17.05 -34.73 -8.83
CA GLY A 230 17.81 -34.07 -9.88
C GLY A 230 17.45 -32.58 -9.96
N ALA A 231 17.88 -31.94 -11.05
CA ALA A 231 17.71 -30.50 -11.20
C ALA A 231 17.34 -30.18 -12.64
N ILE A 232 16.46 -29.20 -12.80
CA ILE A 232 16.19 -28.55 -14.08
C ILE A 232 16.98 -27.24 -14.13
N ILE A 233 17.63 -27.00 -15.27
CA ILE A 233 18.35 -25.78 -15.54
C ILE A 233 17.65 -25.06 -16.68
N ILE A 234 17.17 -23.85 -16.43
CA ILE A 234 16.52 -23.01 -17.42
C ILE A 234 17.52 -21.98 -17.96
N GLY A 235 17.62 -21.92 -19.30
CA GLY A 235 18.32 -20.86 -19.99
C GLY A 235 17.42 -20.14 -21.00
N GLN A 236 18.04 -19.32 -21.86
CA GLN A 236 17.30 -18.48 -22.80
C GLN A 236 16.73 -19.32 -23.94
N GLU A 237 17.40 -20.40 -24.33
CA GLU A 237 16.89 -21.17 -25.45
C GLU A 237 16.84 -22.67 -25.16
N SER A 238 17.13 -23.06 -23.91
CA SER A 238 17.20 -24.46 -23.58
C SER A 238 16.67 -24.70 -22.16
N ILE A 239 16.15 -25.92 -21.96
CA ILE A 239 15.80 -26.44 -20.64
C ILE A 239 16.38 -27.85 -20.55
N THR A 240 17.22 -28.08 -19.51
CA THR A 240 17.94 -29.34 -19.36
C THR A 240 17.64 -29.95 -17.99
N TYR A 241 17.64 -31.28 -17.93
CA TYR A 241 17.48 -32.02 -16.69
C TYR A 241 18.76 -32.83 -16.45
N HIS A 242 19.22 -32.82 -15.21
CA HIS A 242 20.43 -33.50 -14.77
C HIS A 242 20.10 -34.35 -13.56
N ASN A 243 20.62 -35.57 -13.54
CA ASN A 243 20.54 -36.42 -12.37
C ASN A 243 21.48 -37.60 -12.56
N GLY A 244 22.74 -37.44 -12.17
CA GLY A 244 23.70 -38.52 -12.22
C GLY A 244 24.15 -38.78 -13.66
N ASP A 245 24.13 -40.06 -14.05
CA ASP A 245 24.38 -40.48 -15.42
C ASP A 245 23.10 -40.31 -16.24
N LYS A 246 22.35 -39.24 -15.96
CA LYS A 246 21.08 -38.93 -16.60
C LYS A 246 21.14 -37.48 -17.08
N TYR A 247 20.82 -37.25 -18.35
CA TYR A 247 20.88 -35.94 -18.96
C TYR A 247 19.84 -35.91 -20.07
N LEU A 248 18.98 -34.88 -20.03
CA LEU A 248 17.91 -34.69 -20.99
C LEU A 248 17.84 -33.20 -21.27
N ALA A 249 17.83 -32.81 -22.55
CA ALA A 249 17.74 -31.41 -22.88
C ALA A 249 16.73 -31.23 -24.01
N ILE A 250 16.01 -30.11 -23.96
CA ILE A 250 15.16 -29.68 -25.05
C ILE A 250 15.52 -28.24 -25.39
N ALA A 251 15.25 -27.84 -26.64
CA ALA A 251 15.51 -26.48 -27.08
C ALA A 251 14.28 -25.94 -27.80
N PRO A 252 13.18 -25.64 -27.07
CA PRO A 252 11.91 -25.28 -27.68
C PRO A 252 11.91 -23.82 -28.16
N PRO A 253 11.71 -23.58 -29.48
CA PRO A 253 11.71 -22.20 -30.02
C PRO A 253 10.76 -21.22 -29.33
N ILE A 254 9.66 -21.73 -28.75
CA ILE A 254 8.61 -20.92 -28.16
C ILE A 254 9.09 -20.06 -26.99
N ILE A 255 10.24 -20.39 -26.34
CA ILE A 255 10.70 -19.62 -25.20
C ILE A 255 11.76 -18.61 -25.62
N LYS A 256 12.15 -18.62 -26.90
CA LYS A 256 13.35 -17.92 -27.35
C LYS A 256 13.12 -16.40 -27.31
N GLN A 257 11.86 -15.97 -27.47
CA GLN A 257 11.54 -14.56 -27.60
C GLN A 257 11.85 -13.75 -26.33
N SER A 258 11.60 -14.34 -25.15
CA SER A 258 11.75 -13.60 -23.91
C SER A 258 12.32 -14.50 -22.82
N THR A 259 13.21 -13.93 -22.00
CA THR A 259 13.86 -14.64 -20.90
C THR A 259 12.82 -15.06 -19.86
N ILE A 260 12.88 -16.34 -19.49
CA ILE A 260 12.10 -16.86 -18.38
C ILE A 260 12.80 -16.44 -17.09
N VAL A 261 12.04 -15.88 -16.15
CA VAL A 261 12.63 -15.26 -14.96
C VAL A 261 12.01 -15.77 -13.67
N CYS A 262 10.94 -16.57 -13.71
CA CYS A 262 10.43 -17.15 -12.48
C CYS A 262 9.81 -18.51 -12.75
N HIS A 263 9.79 -19.36 -11.71
CA HIS A 263 9.22 -20.68 -11.81
C HIS A 263 8.46 -21.01 -10.54
N ASN A 264 7.57 -22.01 -10.62
CA ASN A 264 6.84 -22.47 -9.46
C ASN A 264 6.33 -23.89 -9.71
N ARG A 265 6.36 -24.71 -8.65
CA ARG A 265 5.97 -26.11 -8.74
C ARG A 265 4.45 -26.22 -8.62
N VAL A 266 3.81 -26.86 -9.62
CA VAL A 266 2.38 -27.08 -9.60
C VAL A 266 2.07 -28.34 -8.80
N ASP A 267 2.72 -29.46 -9.17
CA ASP A 267 2.46 -30.74 -8.54
C ASP A 267 3.51 -31.04 -7.48
N PRO A 268 3.11 -31.47 -6.27
CA PRO A 268 4.08 -31.82 -5.23
C PRO A 268 5.22 -32.75 -5.66
N ASN A 269 4.95 -33.67 -6.60
CA ASN A 269 5.96 -34.61 -7.08
C ASN A 269 6.75 -34.09 -8.27
N GLY A 270 6.51 -32.84 -8.68
CA GLY A 270 7.36 -32.17 -9.67
C GLY A 270 6.95 -32.45 -11.11
N SER A 271 5.73 -32.94 -11.34
CA SER A 271 5.33 -33.35 -12.69
C SER A 271 5.09 -32.14 -13.58
N ARG A 272 4.77 -31.00 -12.96
CA ARG A 272 4.45 -29.79 -13.70
C ARG A 272 4.97 -28.57 -12.95
N TYR A 273 5.54 -27.62 -13.71
CA TYR A 273 5.97 -26.34 -13.21
C TYR A 273 5.35 -25.23 -14.04
N LEU A 274 5.08 -24.08 -13.40
CA LEU A 274 4.81 -22.85 -14.14
C LEU A 274 6.14 -22.11 -14.37
N LEU A 275 6.23 -21.43 -15.53
CA LEU A 275 7.37 -20.60 -15.89
C LEU A 275 6.83 -19.25 -16.39
N GLY A 276 7.42 -18.15 -15.92
CA GLY A 276 7.00 -16.83 -16.34
C GLY A 276 8.15 -16.08 -17.01
N ASP A 277 7.85 -15.34 -18.08
CA ASP A 277 8.88 -14.60 -18.81
C ASP A 277 8.69 -13.09 -18.65
N MET A 278 9.65 -12.34 -19.21
CA MET A 278 9.75 -10.89 -19.01
C MET A 278 8.65 -10.16 -19.78
N GLU A 279 7.90 -10.85 -20.65
CA GLU A 279 6.79 -10.24 -21.38
C GLU A 279 5.44 -10.66 -20.80
N GLY A 280 5.45 -11.45 -19.72
CA GLY A 280 4.20 -11.87 -19.08
C GLY A 280 3.59 -13.15 -19.67
N ARG A 281 4.30 -13.85 -20.56
N ARG A 281 4.30 -13.85 -20.56
CA ARG A 281 3.81 -15.14 -21.01
CA ARG A 281 3.84 -15.15 -21.03
C ARG A 281 3.92 -16.14 -19.85
C ARG A 281 3.92 -16.14 -19.85
N LEU A 282 2.95 -17.05 -19.78
CA LEU A 282 2.92 -18.07 -18.76
C LEU A 282 2.95 -19.42 -19.46
N PHE A 283 3.90 -20.26 -19.05
CA PHE A 283 4.09 -21.58 -19.63
C PHE A 283 3.87 -22.65 -18.59
N MET A 284 3.59 -23.87 -19.06
CA MET A 284 3.61 -25.08 -18.26
C MET A 284 4.78 -25.92 -18.76
N LEU A 285 5.64 -26.33 -17.82
CA LEU A 285 6.71 -27.30 -18.09
C LEU A 285 6.26 -28.65 -17.54
N LEU A 286 6.18 -29.66 -18.42
CA LEU A 286 5.67 -30.97 -18.01
C LEU A 286 6.80 -31.99 -18.06
N LEU A 287 6.95 -32.74 -16.96
CA LEU A 287 7.94 -33.79 -16.85
C LEU A 287 7.23 -35.13 -17.02
N GLU A 288 7.63 -35.91 -18.03
CA GLU A 288 7.01 -37.18 -18.32
C GLU A 288 7.79 -38.29 -17.60
N LYS A 289 7.07 -39.17 -16.89
CA LYS A 289 7.66 -40.25 -16.11
C LYS A 289 7.88 -41.48 -16.99
N GLU A 290 8.89 -42.29 -16.62
CA GLU A 290 9.12 -43.62 -17.14
C GLU A 290 9.29 -44.59 -15.95
N GLU A 291 8.57 -45.71 -15.98
CA GLU A 291 8.62 -46.69 -14.91
C GLU A 291 9.90 -47.51 -15.06
N GLN A 292 10.31 -48.13 -13.95
CA GLN A 292 11.49 -48.98 -13.92
C GLN A 292 11.17 -50.26 -13.13
N MET A 293 11.90 -51.34 -13.43
CA MET A 293 11.65 -52.64 -12.82
C MET A 293 11.91 -52.57 -11.32
N ASP A 294 12.91 -51.78 -10.90
CA ASP A 294 13.22 -51.64 -9.49
C ASP A 294 12.23 -50.69 -8.80
N GLY A 295 11.27 -50.15 -9.55
CA GLY A 295 10.20 -49.33 -8.97
C GLY A 295 10.58 -47.85 -8.83
N THR A 296 11.80 -47.47 -9.23
CA THR A 296 12.17 -46.05 -9.32
C THR A 296 11.46 -45.46 -10.54
N VAL A 297 11.47 -44.13 -10.61
CA VAL A 297 10.85 -43.37 -11.68
C VAL A 297 11.90 -42.41 -12.24
N THR A 298 12.11 -42.47 -13.56
CA THR A 298 13.08 -41.63 -14.25
C THR A 298 12.34 -40.74 -15.25
N LEU A 299 13.03 -39.69 -15.73
CA LEU A 299 12.42 -38.71 -16.62
C LEU A 299 12.53 -39.22 -18.05
N LYS A 300 11.39 -39.31 -18.74
CA LYS A 300 11.37 -39.78 -20.12
C LYS A 300 11.54 -38.60 -21.08
N ASP A 301 10.83 -37.49 -20.83
CA ASP A 301 10.93 -36.31 -21.70
C ASP A 301 10.41 -35.07 -20.98
N LEU A 302 10.69 -33.90 -21.57
CA LEU A 302 10.24 -32.59 -21.11
C LEU A 302 9.45 -31.92 -22.22
N ARG A 303 8.35 -31.24 -21.85
CA ARG A 303 7.56 -30.43 -22.79
C ARG A 303 7.26 -29.06 -22.17
N VAL A 304 7.20 -28.03 -23.03
CA VAL A 304 6.73 -26.70 -22.64
C VAL A 304 5.49 -26.36 -23.44
N GLU A 305 4.44 -25.87 -22.77
CA GLU A 305 3.23 -25.41 -23.44
C GLU A 305 2.90 -23.98 -23.02
N LEU A 306 2.61 -23.12 -24.00
CA LEU A 306 2.14 -21.76 -23.75
C LEU A 306 0.72 -21.79 -23.18
N LEU A 307 0.53 -21.19 -21.99
CA LEU A 307 -0.76 -21.21 -21.33
C LEU A 307 -1.53 -19.92 -21.63
N GLY A 308 -0.84 -18.78 -21.70
CA GLY A 308 -1.52 -17.50 -21.85
C GLY A 308 -0.64 -16.33 -21.45
N GLU A 309 -1.28 -15.24 -20.97
CA GLU A 309 -0.58 -14.02 -20.60
C GLU A 309 -1.04 -13.56 -19.21
N THR A 310 -0.08 -13.15 -18.36
CA THR A 310 -0.39 -12.52 -17.08
C THR A 310 0.28 -11.16 -17.03
N SER A 311 0.13 -10.44 -15.91
CA SER A 311 1.03 -9.35 -15.61
C SER A 311 2.46 -9.88 -15.65
N ILE A 312 3.43 -8.98 -15.90
CA ILE A 312 4.82 -9.37 -15.87
C ILE A 312 5.11 -9.83 -14.43
N ALA A 313 5.52 -11.09 -14.28
CA ALA A 313 5.56 -11.70 -12.96
C ALA A 313 6.96 -11.60 -12.38
N GLU A 314 7.04 -11.19 -11.12
CA GLU A 314 8.25 -11.35 -10.33
C GLU A 314 8.24 -12.73 -9.70
N CYS A 315 7.05 -13.22 -9.34
CA CYS A 315 6.90 -14.57 -8.82
C CYS A 315 5.52 -15.14 -9.17
N LEU A 316 5.44 -16.47 -9.12
CA LEU A 316 4.22 -17.21 -9.38
C LEU A 316 4.05 -18.22 -8.26
N THR A 317 2.82 -18.39 -7.75
CA THR A 317 2.56 -19.40 -6.73
C THR A 317 1.22 -20.08 -7.06
N TYR A 318 1.29 -21.38 -7.36
CA TYR A 318 0.09 -22.17 -7.57
C TYR A 318 -0.58 -22.35 -6.21
N LEU A 319 -1.90 -22.09 -6.15
CA LEU A 319 -2.67 -22.14 -4.92
C LEU A 319 -3.74 -23.23 -4.97
N ASP A 320 -3.53 -24.28 -5.78
CA ASP A 320 -4.46 -25.40 -5.90
C ASP A 320 -5.75 -24.96 -6.61
N ASN A 321 -6.48 -25.97 -7.11
CA ASN A 321 -7.76 -25.79 -7.78
C ASN A 321 -7.64 -24.86 -8.98
N GLY A 322 -6.49 -24.91 -9.65
CA GLY A 322 -6.26 -24.14 -10.87
C GLY A 322 -5.98 -22.66 -10.61
N VAL A 323 -5.81 -22.26 -9.34
CA VAL A 323 -5.65 -20.85 -8.99
C VAL A 323 -4.16 -20.51 -8.88
N VAL A 324 -3.75 -19.40 -9.52
CA VAL A 324 -2.37 -18.93 -9.46
C VAL A 324 -2.36 -17.48 -8.97
N PHE A 325 -1.46 -17.19 -8.01
CA PHE A 325 -1.17 -15.81 -7.61
C PHE A 325 0.02 -15.30 -8.43
N VAL A 326 -0.18 -14.21 -9.14
CA VAL A 326 0.85 -13.58 -9.94
C VAL A 326 1.34 -12.35 -9.17
N GLY A 327 2.53 -12.45 -8.57
CA GLY A 327 3.13 -11.32 -7.87
C GLY A 327 3.98 -10.47 -8.81
N SER A 328 3.61 -9.20 -8.97
CA SER A 328 4.26 -8.34 -9.94
C SER A 328 5.01 -7.20 -9.24
N ARG A 329 6.15 -6.82 -9.83
CA ARG A 329 6.92 -5.63 -9.46
C ARG A 329 6.64 -4.47 -10.44
N LEU A 330 6.35 -4.82 -11.70
CA LEU A 330 6.29 -3.84 -12.78
C LEU A 330 4.86 -3.49 -13.19
N GLY A 331 3.89 -4.27 -12.70
CA GLY A 331 2.48 -4.01 -12.93
C GLY A 331 1.64 -4.45 -11.74
N ASP A 332 0.33 -4.50 -11.94
CA ASP A 332 -0.61 -4.97 -10.93
C ASP A 332 -0.40 -6.47 -10.74
N SER A 333 -0.57 -6.93 -9.48
CA SER A 333 -0.57 -8.36 -9.19
C SER A 333 -1.96 -8.92 -9.50
N GLN A 334 -2.05 -10.25 -9.63
CA GLN A 334 -3.31 -10.87 -10.04
C GLN A 334 -3.54 -12.20 -9.35
N LEU A 335 -4.82 -12.59 -9.27
CA LEU A 335 -5.23 -13.98 -9.19
C LEU A 335 -5.73 -14.38 -10.57
N VAL A 336 -5.20 -15.48 -11.12
CA VAL A 336 -5.69 -15.98 -12.38
C VAL A 336 -6.13 -17.43 -12.16
N LYS A 337 -6.95 -17.94 -13.10
CA LYS A 337 -7.36 -19.32 -13.09
C LYS A 337 -6.89 -20.01 -14.37
N LEU A 338 -6.34 -21.23 -14.20
CA LEU A 338 -5.97 -22.10 -15.31
C LEU A 338 -7.10 -23.10 -15.55
N ASN A 339 -7.58 -23.18 -16.79
CA ASN A 339 -8.63 -24.13 -17.15
C ASN A 339 -8.04 -25.24 -18.01
N VAL A 340 -8.62 -26.44 -17.93
CA VAL A 340 -8.14 -27.58 -18.71
C VAL A 340 -8.34 -27.30 -20.20
N ASP A 341 -9.41 -26.56 -20.54
CA ASP A 341 -9.76 -26.26 -21.93
C ASP A 341 -9.51 -24.79 -22.22
N SER A 342 -8.94 -24.51 -23.41
CA SER A 342 -8.64 -23.15 -23.83
C SER A 342 -9.93 -22.45 -24.23
N ASN A 343 -9.83 -21.12 -24.39
CA ASN A 343 -10.98 -20.26 -24.67
C ASN A 343 -11.05 -20.02 -26.17
N GLU A 344 -11.78 -18.97 -26.58
CA GLU A 344 -11.95 -18.60 -27.98
C GLU A 344 -10.60 -18.31 -28.62
N GLN A 345 -9.88 -17.32 -28.08
CA GLN A 345 -8.65 -16.83 -28.68
C GLN A 345 -7.47 -17.77 -28.42
N GLY A 346 -7.65 -18.76 -27.53
CA GLY A 346 -6.73 -19.89 -27.40
C GLY A 346 -5.98 -19.93 -26.06
N SER A 347 -6.37 -19.07 -25.11
CA SER A 347 -5.71 -18.98 -23.82
C SER A 347 -6.36 -19.94 -22.82
N TYR A 348 -5.55 -20.48 -21.90
CA TYR A 348 -6.04 -21.28 -20.78
C TYR A 348 -6.14 -20.41 -19.52
N VAL A 349 -5.69 -19.15 -19.62
CA VAL A 349 -5.55 -18.26 -18.48
C VAL A 349 -6.71 -17.25 -18.45
N VAL A 350 -7.47 -17.26 -17.35
CA VAL A 350 -8.52 -16.28 -17.12
C VAL A 350 -8.28 -15.58 -15.78
N ALA A 351 -8.19 -14.25 -15.83
CA ALA A 351 -7.95 -13.43 -14.65
C ALA A 351 -9.20 -13.37 -13.77
N MET A 352 -8.98 -13.44 -12.45
CA MET A 352 -10.05 -13.42 -11.46
C MET A 352 -10.03 -12.11 -10.68
N GLU A 353 -8.85 -11.65 -10.28
CA GLU A 353 -8.74 -10.42 -9.53
C GLU A 353 -7.42 -9.72 -9.82
N THR A 354 -7.44 -8.40 -9.67
CA THR A 354 -6.32 -7.51 -9.94
C THR A 354 -6.03 -6.74 -8.66
N PHE A 355 -4.76 -6.61 -8.27
CA PHE A 355 -4.36 -5.84 -7.11
C PHE A 355 -3.47 -4.67 -7.51
N THR A 356 -3.78 -3.47 -7.01
CA THR A 356 -3.03 -2.26 -7.34
C THR A 356 -1.55 -2.41 -7.01
N ASN A 357 -0.69 -2.10 -7.99
CA ASN A 357 0.71 -1.80 -7.74
C ASN A 357 1.02 -0.47 -8.41
N LEU A 358 1.55 0.48 -7.63
CA LEU A 358 1.91 1.79 -8.13
C LEU A 358 3.34 1.77 -8.66
N GLY A 359 4.07 0.68 -8.38
CA GLY A 359 5.50 0.66 -8.59
C GLY A 359 5.93 0.10 -9.95
N PRO A 360 7.12 0.48 -10.47
CA PRO A 360 7.87 1.62 -9.94
C PRO A 360 7.22 2.96 -10.25
N ILE A 361 7.31 3.89 -9.29
CA ILE A 361 6.94 5.27 -9.55
C ILE A 361 8.20 5.96 -10.07
N VAL A 362 8.22 6.32 -11.36
CA VAL A 362 9.45 6.80 -11.97
C VAL A 362 9.42 8.34 -12.03
N ASP A 363 8.23 8.93 -12.03
CA ASP A 363 8.04 10.36 -11.88
C ASP A 363 6.64 10.57 -11.35
N MET A 364 6.35 11.79 -10.89
CA MET A 364 5.01 12.15 -10.48
C MET A 364 4.92 13.66 -10.37
N CYS A 365 3.68 14.18 -10.34
CA CYS A 365 3.43 15.58 -10.01
C CYS A 365 2.15 15.71 -9.20
N VAL A 366 1.95 16.91 -8.64
CA VAL A 366 0.77 17.21 -7.86
C VAL A 366 -0.05 18.29 -8.56
N VAL A 367 -1.35 18.04 -8.69
CA VAL A 367 -2.24 18.95 -9.39
C VAL A 367 -3.59 18.95 -8.66
N ASP A 368 -4.21 20.13 -8.57
CA ASP A 368 -5.57 20.29 -8.07
C ASP A 368 -6.55 20.11 -9.22
N LEU A 369 -6.74 18.86 -9.67
CA LEU A 369 -7.51 18.55 -10.87
C LEU A 369 -8.94 19.05 -10.78
N GLU A 370 -9.66 18.66 -9.71
CA GLU A 370 -11.10 18.86 -9.61
C GLU A 370 -11.43 20.15 -8.87
N ARG A 371 -11.27 20.16 -7.54
CA ARG A 371 -11.57 21.33 -6.73
C ARG A 371 -10.37 22.27 -6.72
N GLN A 372 -10.37 23.21 -5.76
CA GLN A 372 -9.20 24.03 -5.45
C GLN A 372 -8.78 23.71 -4.01
N GLY A 373 -7.48 23.45 -3.83
CA GLY A 373 -6.92 23.17 -2.51
C GLY A 373 -6.87 21.67 -2.19
N GLN A 374 -7.43 20.85 -3.09
CA GLN A 374 -7.43 19.40 -2.95
C GLN A 374 -6.43 18.81 -3.95
N GLY A 375 -5.19 18.58 -3.50
CA GLY A 375 -4.16 18.05 -4.38
C GLY A 375 -4.41 16.58 -4.74
N GLN A 376 -4.06 16.23 -5.99
CA GLN A 376 -4.01 14.84 -6.40
C GLN A 376 -2.63 14.55 -6.98
N LEU A 377 -2.14 13.34 -6.69
CA LEU A 377 -0.87 12.86 -7.20
C LEU A 377 -1.11 12.11 -8.50
N VAL A 378 -0.34 12.46 -9.56
CA VAL A 378 -0.37 11.76 -10.82
C VAL A 378 1.02 11.19 -11.08
N THR A 379 1.12 9.84 -11.06
CA THR A 379 2.39 9.16 -11.20
C THR A 379 2.56 8.60 -12.61
N CYS A 380 3.82 8.50 -13.05
CA CYS A 380 4.22 7.56 -14.08
C CYS A 380 4.57 6.25 -13.39
N SER A 381 3.78 5.20 -13.64
CA SER A 381 3.89 3.96 -12.89
C SER A 381 4.12 2.78 -13.84
N GLY A 382 4.82 1.75 -13.34
CA GLY A 382 5.02 0.50 -14.07
C GLY A 382 6.03 0.61 -15.20
N ALA A 383 6.07 -0.44 -16.04
CA ALA A 383 7.01 -0.56 -17.14
C ALA A 383 6.46 -1.47 -18.23
N PHE A 384 6.87 -1.22 -19.48
CA PHE A 384 6.54 -2.10 -20.59
C PHE A 384 5.03 -2.13 -20.75
N LYS A 385 4.46 -3.33 -20.95
CA LYS A 385 3.05 -3.48 -21.19
C LYS A 385 2.21 -3.06 -19.99
N GLU A 386 2.83 -2.93 -18.80
CA GLU A 386 2.11 -2.59 -17.58
C GLU A 386 2.12 -1.07 -17.30
N GLY A 387 2.89 -0.31 -18.06
CA GLY A 387 3.03 1.12 -17.76
C GLY A 387 1.69 1.85 -17.71
N SER A 388 1.60 2.82 -16.81
CA SER A 388 0.34 3.50 -16.57
C SER A 388 0.57 4.90 -16.03
N LEU A 389 -0.47 5.74 -16.07
CA LEU A 389 -0.62 6.82 -15.11
C LEU A 389 -1.52 6.33 -13.99
N ARG A 390 -1.22 6.76 -12.76
CA ARG A 390 -2.07 6.53 -11.61
C ARG A 390 -2.38 7.90 -11.01
N ILE A 391 -3.67 8.14 -10.75
CA ILE A 391 -4.15 9.36 -10.12
C ILE A 391 -4.64 8.97 -8.72
N ILE A 392 -4.03 9.59 -7.70
CA ILE A 392 -4.21 9.22 -6.32
C ILE A 392 -4.80 10.41 -5.57
N ARG A 393 -5.89 10.18 -4.84
CA ARG A 393 -6.50 11.24 -4.02
C ARG A 393 -7.04 10.66 -2.70
N ASN A 394 -7.01 11.48 -1.64
CA ASN A 394 -7.46 11.09 -0.32
C ASN A 394 -8.99 11.04 -0.26
N GLY A 395 -9.52 10.10 0.53
CA GLY A 395 -10.91 10.13 0.95
C GLY A 395 -11.82 9.32 0.01
N ILE A 396 -13.07 9.13 0.47
CA ILE A 396 -14.05 8.29 -0.20
C ILE A 396 -15.10 9.19 -0.84
N GLY A 397 -15.42 8.92 -2.11
CA GLY A 397 -16.41 9.70 -2.84
C GLY A 397 -17.79 9.05 -2.80
N ILE A 398 -18.82 9.89 -2.99
CA ILE A 398 -20.18 9.46 -3.17
C ILE A 398 -20.63 9.85 -4.58
N HIS A 399 -21.37 8.96 -5.26
CA HIS A 399 -21.93 9.27 -6.56
C HIS A 399 -23.42 9.59 -6.40
N GLU A 400 -23.72 10.89 -6.34
CA GLU A 400 -25.06 11.40 -6.06
C GLU A 400 -25.98 11.03 -7.22
N HIS A 401 -27.14 10.44 -6.91
CA HIS A 401 -28.08 9.97 -7.91
C HIS A 401 -29.44 10.66 -7.75
N ALA A 402 -29.62 11.43 -6.67
CA ALA A 402 -30.87 12.16 -6.46
C ALA A 402 -30.65 13.23 -5.41
N SER A 403 -31.42 14.32 -5.51
CA SER A 403 -31.27 15.47 -4.64
C SER A 403 -32.61 16.19 -4.50
N ILE A 404 -33.15 16.20 -3.27
CA ILE A 404 -34.42 16.84 -2.96
C ILE A 404 -34.17 17.93 -1.92
N ASP A 405 -34.80 19.09 -2.13
CA ASP A 405 -34.77 20.17 -1.15
C ASP A 405 -35.85 19.92 -0.11
N LEU A 406 -35.44 19.84 1.16
CA LEU A 406 -36.26 19.25 2.20
C LEU A 406 -35.57 19.49 3.55
N PRO A 407 -35.75 20.68 4.16
CA PRO A 407 -35.00 21.04 5.36
C PRO A 407 -35.54 20.41 6.64
N GLY A 408 -34.71 20.38 7.68
CA GLY A 408 -35.14 20.13 9.04
C GLY A 408 -35.26 18.65 9.38
N ILE A 409 -34.57 17.79 8.60
CA ILE A 409 -34.61 16.35 8.82
C ILE A 409 -33.87 16.01 10.11
N LYS A 410 -34.49 15.17 10.96
CA LYS A 410 -33.91 14.79 12.24
C LYS A 410 -33.66 13.28 12.31
N GLY A 411 -33.96 12.55 11.24
CA GLY A 411 -33.62 11.13 11.16
C GLY A 411 -34.22 10.49 9.91
N LEU A 412 -33.64 9.36 9.51
CA LEU A 412 -33.96 8.64 8.29
C LEU A 412 -34.01 7.15 8.63
N TRP A 413 -35.02 6.46 8.11
CA TRP A 413 -35.14 5.02 8.27
C TRP A 413 -35.71 4.43 6.99
N PRO A 414 -35.08 3.36 6.47
CA PRO A 414 -35.62 2.62 5.34
C PRO A 414 -36.61 1.57 5.82
N LEU A 415 -37.57 1.22 4.97
CA LEU A 415 -38.62 0.30 5.35
C LEU A 415 -39.05 -0.50 4.11
N ARG A 416 -39.35 -1.79 4.32
CA ARG A 416 -40.03 -2.62 3.32
C ARG A 416 -41.52 -2.69 3.64
N SER A 417 -42.32 -1.97 2.85
CA SER A 417 -43.76 -1.90 3.09
C SER A 417 -44.46 -3.14 2.54
N ASP A 418 -43.77 -3.90 1.67
CA ASP A 418 -44.32 -5.11 1.10
C ASP A 418 -43.55 -6.30 1.64
N PRO A 419 -44.18 -7.19 2.42
CA PRO A 419 -43.46 -8.30 3.08
C PRO A 419 -42.97 -9.38 2.12
N ASN A 420 -43.41 -9.30 0.86
CA ASN A 420 -42.93 -10.16 -0.20
C ASN A 420 -41.55 -9.70 -0.68
N ARG A 421 -41.47 -8.44 -1.12
CA ARG A 421 -40.31 -7.92 -1.82
C ARG A 421 -39.15 -7.64 -0.86
N GLU A 422 -37.93 -7.92 -1.34
CA GLU A 422 -36.74 -7.90 -0.50
C GLU A 422 -36.15 -6.49 -0.40
N THR A 423 -36.47 -5.62 -1.36
CA THR A 423 -35.86 -4.31 -1.42
C THR A 423 -36.72 -3.32 -0.65
N ASP A 424 -36.07 -2.29 -0.10
CA ASP A 424 -36.78 -1.19 0.53
C ASP A 424 -37.66 -0.51 -0.53
N ASP A 425 -38.78 0.05 -0.08
CA ASP A 425 -39.64 0.83 -0.94
C ASP A 425 -40.08 2.12 -0.24
N THR A 426 -39.53 2.38 0.96
CA THR A 426 -40.04 3.45 1.80
C THR A 426 -38.90 4.09 2.56
N LEU A 427 -38.97 5.42 2.66
CA LEU A 427 -38.03 6.20 3.44
C LEU A 427 -38.84 7.06 4.39
N VAL A 428 -38.61 6.87 5.69
CA VAL A 428 -39.32 7.60 6.73
C VAL A 428 -38.40 8.68 7.27
N LEU A 429 -38.91 9.91 7.31
CA LEU A 429 -38.16 11.07 7.73
C LEU A 429 -38.80 11.65 8.98
N SER A 430 -37.96 12.01 9.96
N SER A 430 -37.97 11.98 9.98
CA SER A 430 -38.42 12.70 11.15
CA SER A 430 -38.44 12.70 11.16
C SER A 430 -38.05 14.17 11.07
C SER A 430 -38.07 14.18 11.04
N PHE A 431 -38.84 15.01 11.75
CA PHE A 431 -38.62 16.44 11.89
C PHE A 431 -39.01 16.80 13.31
N VAL A 432 -38.68 18.03 13.74
CA VAL A 432 -39.08 18.45 15.08
C VAL A 432 -40.58 18.23 15.19
N GLY A 433 -40.98 17.35 16.12
CA GLY A 433 -42.38 17.06 16.41
C GLY A 433 -43.23 16.53 15.24
N GLN A 434 -42.62 15.98 14.18
CA GLN A 434 -43.39 15.46 13.05
C GLN A 434 -42.66 14.32 12.33
N THR A 435 -43.40 13.50 11.57
CA THR A 435 -42.84 12.42 10.76
C THR A 435 -43.46 12.47 9.36
N ARG A 436 -42.65 12.15 8.34
CA ARG A 436 -43.15 12.03 6.97
C ARG A 436 -42.67 10.72 6.35
N VAL A 437 -43.51 10.17 5.46
CA VAL A 437 -43.22 8.93 4.77
C VAL A 437 -43.11 9.23 3.28
N LEU A 438 -41.99 8.84 2.68
CA LEU A 438 -41.78 8.88 1.24
C LEU A 438 -41.86 7.45 0.71
N MET A 439 -42.67 7.25 -0.34
CA MET A 439 -42.70 6.01 -1.08
C MET A 439 -41.76 6.13 -2.26
N LEU A 440 -41.13 5.00 -2.63
CA LEU A 440 -40.18 4.94 -3.72
C LEU A 440 -40.77 4.07 -4.82
N ASN A 441 -41.11 4.71 -5.96
CA ASN A 441 -41.49 3.99 -7.17
C ASN A 441 -40.42 4.31 -8.21
N GLY A 442 -39.57 3.32 -8.49
CA GLY A 442 -38.37 3.52 -9.29
C GLY A 442 -37.53 4.66 -8.74
N GLU A 443 -37.34 5.70 -9.55
CA GLU A 443 -36.55 6.86 -9.16
C GLU A 443 -37.46 7.97 -8.66
N GLU A 444 -38.77 7.71 -8.65
CA GLU A 444 -39.75 8.68 -8.19
C GLU A 444 -39.88 8.56 -6.67
N VAL A 445 -40.04 9.72 -6.01
CA VAL A 445 -40.07 9.83 -4.57
C VAL A 445 -41.30 10.67 -4.19
N GLU A 446 -42.45 10.00 -4.06
CA GLU A 446 -43.71 10.69 -3.77
C GLU A 446 -43.97 10.65 -2.26
N GLU A 447 -44.39 11.80 -1.72
CA GLU A 447 -44.98 11.87 -0.39
C GLU A 447 -46.20 10.94 -0.30
N THR A 448 -46.44 10.39 0.90
CA THR A 448 -47.52 9.44 1.09
C THR A 448 -47.81 9.31 2.59
N GLU A 449 -48.98 8.75 2.90
CA GLU A 449 -49.31 8.34 4.26
C GLU A 449 -48.95 6.86 4.40
N LEU A 450 -48.97 6.37 5.64
CA LEU A 450 -48.81 4.94 5.89
C LEU A 450 -49.60 4.58 7.15
N MET A 451 -50.72 3.88 6.93
CA MET A 451 -51.67 3.59 7.99
C MET A 451 -50.95 2.87 9.12
N GLY A 452 -51.18 3.33 10.34
CA GLY A 452 -50.53 2.76 11.52
C GLY A 452 -49.56 3.75 12.14
N PHE A 453 -48.84 4.46 11.27
CA PHE A 453 -47.88 5.47 11.68
C PHE A 453 -48.58 6.82 11.86
N VAL A 454 -48.10 7.60 12.83
CA VAL A 454 -48.58 8.95 13.06
C VAL A 454 -47.59 9.92 12.42
N ASP A 455 -48.12 11.06 11.96
CA ASP A 455 -47.32 12.07 11.29
C ASP A 455 -47.14 13.27 12.21
N ASP A 456 -47.79 13.25 13.39
CA ASP A 456 -47.85 14.42 14.26
C ASP A 456 -47.02 14.22 15.52
N GLN A 457 -46.07 13.28 15.47
CA GLN A 457 -45.07 13.11 16.52
C GLN A 457 -43.72 12.86 15.84
N GLN A 458 -42.62 13.23 16.51
CA GLN A 458 -41.29 12.96 16.00
C GLN A 458 -40.96 11.48 16.18
N THR A 459 -40.44 10.84 15.12
CA THR A 459 -40.05 9.43 15.16
C THR A 459 -38.60 9.30 15.61
N PHE A 460 -38.32 8.34 16.51
CA PHE A 460 -36.97 8.06 16.97
C PHE A 460 -36.47 6.75 16.38
N PHE A 461 -37.40 5.92 15.88
CA PHE A 461 -37.03 4.71 15.19
C PHE A 461 -38.25 4.21 14.45
N CYS A 462 -38.07 3.73 13.23
CA CYS A 462 -39.10 2.90 12.61
C CYS A 462 -38.39 1.86 11.76
N GLY A 463 -39.07 0.74 11.54
CA GLY A 463 -38.43 -0.42 10.94
C GLY A 463 -39.38 -1.59 10.75
N ASN A 464 -38.88 -2.57 9.97
CA ASN A 464 -39.43 -3.91 9.89
C ASN A 464 -39.08 -4.65 11.16
N VAL A 465 -40.03 -5.43 11.68
CA VAL A 465 -39.82 -6.20 12.88
C VAL A 465 -40.49 -7.56 12.69
N ALA A 466 -40.32 -8.43 13.70
CA ALA A 466 -40.72 -9.82 13.61
C ALA A 466 -42.22 -9.99 13.36
N HIS A 467 -42.55 -11.12 12.72
CA HIS A 467 -43.91 -11.59 12.53
C HIS A 467 -44.61 -10.72 11.47
N GLN A 468 -43.83 -10.24 10.50
CA GLN A 468 -44.36 -9.45 9.38
C GLN A 468 -45.10 -8.22 9.92
N GLN A 469 -44.39 -7.43 10.74
CA GLN A 469 -44.96 -6.23 11.34
C GLN A 469 -43.99 -5.08 11.09
N LEU A 470 -44.50 -3.86 11.29
CA LEU A 470 -43.70 -2.65 11.26
C LEU A 470 -43.79 -2.04 12.64
N ILE A 471 -42.79 -1.22 12.98
CA ILE A 471 -42.78 -0.52 14.26
C ILE A 471 -42.42 0.94 14.01
N GLN A 472 -43.10 1.82 14.74
CA GLN A 472 -42.74 3.23 14.84
C GLN A 472 -42.63 3.60 16.31
N ILE A 473 -41.48 4.14 16.73
CA ILE A 473 -41.33 4.61 18.10
C ILE A 473 -41.21 6.13 18.02
N THR A 474 -42.11 6.83 18.74
CA THR A 474 -42.13 8.28 18.78
C THR A 474 -41.86 8.74 20.20
N SER A 475 -41.89 10.07 20.37
CA SER A 475 -41.90 10.69 21.67
C SER A 475 -43.08 10.24 22.53
N ALA A 476 -44.20 9.85 21.92
CA ALA A 476 -45.40 9.52 22.69
C ALA A 476 -45.54 8.01 22.96
N SER A 477 -45.22 7.14 21.99
CA SER A 477 -45.51 5.73 22.19
C SER A 477 -44.68 4.83 21.28
N VAL A 478 -44.84 3.52 21.49
CA VAL A 478 -44.37 2.52 20.55
C VAL A 478 -45.59 1.94 19.84
N ARG A 479 -45.57 1.95 18.50
CA ARG A 479 -46.69 1.51 17.69
C ARG A 479 -46.29 0.32 16.85
N LEU A 480 -47.05 -0.78 16.99
CA LEU A 480 -46.83 -2.01 16.26
C LEU A 480 -47.93 -2.12 15.19
N VAL A 481 -47.50 -2.35 13.95
CA VAL A 481 -48.39 -2.28 12.79
C VAL A 481 -48.29 -3.59 11.99
N SER A 482 -49.44 -4.14 11.61
CA SER A 482 -49.47 -5.32 10.76
C SER A 482 -49.10 -4.92 9.32
N GLN A 483 -48.55 -5.85 8.55
CA GLN A 483 -48.13 -5.56 7.18
C GLN A 483 -49.33 -5.62 6.22
N GLU A 484 -50.26 -6.54 6.45
CA GLU A 484 -51.34 -6.79 5.49
C GLU A 484 -52.66 -7.08 6.21
N PRO A 485 -53.62 -6.13 6.31
CA PRO A 485 -53.42 -4.73 5.90
C PRO A 485 -52.65 -3.95 6.96
N LYS A 486 -52.34 -2.68 6.66
CA LYS A 486 -51.62 -1.86 7.61
C LYS A 486 -52.59 -1.35 8.65
N ALA A 487 -52.45 -1.84 9.88
CA ALA A 487 -53.31 -1.46 10.99
C ALA A 487 -52.54 -1.54 12.30
N LEU A 488 -52.90 -0.66 13.24
CA LEU A 488 -52.35 -0.67 14.59
C LEU A 488 -52.79 -1.94 15.31
N VAL A 489 -51.83 -2.80 15.67
CA VAL A 489 -52.17 -4.03 16.37
C VAL A 489 -51.76 -3.95 17.84
N SER A 490 -50.89 -3.00 18.19
CA SER A 490 -50.46 -2.86 19.59
C SER A 490 -49.79 -1.50 19.78
N GLU A 491 -49.98 -0.93 20.97
CA GLU A 491 -49.39 0.35 21.28
C GLU A 491 -48.97 0.34 22.76
N TRP A 492 -47.70 0.69 23.02
CA TRP A 492 -47.16 0.71 24.36
C TRP A 492 -46.94 2.17 24.76
N LYS A 493 -47.33 2.48 26.00
CA LYS A 493 -47.06 3.77 26.62
C LYS A 493 -46.52 3.54 28.03
N GLU A 494 -45.70 4.50 28.47
CA GLU A 494 -45.24 4.56 29.84
C GLU A 494 -46.46 4.67 30.75
N PRO A 495 -46.46 4.11 31.99
CA PRO A 495 -47.65 4.11 32.84
C PRO A 495 -48.40 5.43 33.08
N GLN A 496 -47.69 6.58 33.06
CA GLN A 496 -48.32 7.89 33.16
C GLN A 496 -48.27 8.60 31.81
N ALA A 497 -48.02 7.84 30.74
CA ALA A 497 -47.91 8.34 29.38
C ALA A 497 -46.89 9.48 29.26
N LYS A 498 -45.77 9.36 30.01
CA LYS A 498 -44.66 10.28 29.87
C LYS A 498 -43.98 10.06 28.52
N ASN A 499 -43.27 11.10 28.05
CA ASN A 499 -42.58 11.06 26.77
C ASN A 499 -41.45 10.02 26.78
N ILE A 500 -41.29 9.30 25.67
CA ILE A 500 -40.08 8.53 25.40
C ILE A 500 -38.98 9.50 24.95
N SER A 501 -37.78 9.36 25.52
CA SER A 501 -36.66 10.25 25.24
C SER A 501 -35.60 9.60 24.36
N VAL A 502 -35.50 8.25 24.38
CA VAL A 502 -34.49 7.53 23.64
C VAL A 502 -35.08 6.18 23.24
N ALA A 503 -34.79 5.74 22.01
CA ALA A 503 -35.29 4.47 21.50
C ALA A 503 -34.17 3.67 20.87
N SER A 504 -34.18 2.36 21.11
CA SER A 504 -33.38 1.41 20.36
C SER A 504 -34.26 0.20 20.05
N CYS A 505 -33.99 -0.44 18.91
CA CYS A 505 -34.87 -1.49 18.42
C CYS A 505 -34.08 -2.42 17.49
N ASN A 506 -34.34 -3.72 17.61
CA ASN A 506 -33.93 -4.70 16.62
C ASN A 506 -35.20 -5.37 16.11
N SER A 507 -35.06 -6.57 15.52
CA SER A 507 -36.21 -7.20 14.87
C SER A 507 -37.23 -7.72 15.90
N SER A 508 -36.83 -8.00 17.15
CA SER A 508 -37.81 -8.52 18.09
C SER A 508 -37.67 -7.93 19.50
N GLN A 509 -36.83 -6.89 19.69
CA GLN A 509 -36.62 -6.30 21.00
C GLN A 509 -36.66 -4.78 20.90
N VAL A 510 -37.12 -4.14 21.98
CA VAL A 510 -37.14 -2.70 22.11
C VAL A 510 -36.63 -2.35 23.50
N VAL A 511 -35.68 -1.40 23.57
CA VAL A 511 -35.39 -0.73 24.82
C VAL A 511 -35.64 0.77 24.58
N VAL A 512 -36.51 1.37 25.40
CA VAL A 512 -36.74 2.81 25.34
C VAL A 512 -36.39 3.42 26.69
N ALA A 513 -35.96 4.68 26.66
CA ALA A 513 -35.75 5.43 27.89
C ALA A 513 -36.86 6.46 28.07
N VAL A 514 -37.20 6.66 29.34
CA VAL A 514 -38.05 7.76 29.76
C VAL A 514 -37.31 8.49 30.89
N GLY A 515 -36.60 9.57 30.55
CA GLY A 515 -35.72 10.23 31.49
C GLY A 515 -34.61 9.29 31.95
N ARG A 516 -34.73 8.82 33.20
CA ARG A 516 -33.79 7.88 33.79
C ARG A 516 -34.29 6.44 33.71
N ALA A 517 -35.58 6.26 33.41
CA ALA A 517 -36.18 4.94 33.36
C ALA A 517 -35.89 4.24 32.03
N LEU A 518 -35.70 2.92 32.09
CA LEU A 518 -35.61 2.08 30.90
C LEU A 518 -36.72 1.04 30.92
N TYR A 519 -37.28 0.74 29.74
CA TYR A 519 -38.28 -0.30 29.55
C TYR A 519 -37.81 -1.24 28.45
N TYR A 520 -37.90 -2.55 28.72
CA TYR A 520 -37.54 -3.58 27.77
C TYR A 520 -38.84 -4.23 27.27
N LEU A 521 -39.09 -4.16 25.95
CA LEU A 521 -40.24 -4.79 25.32
C LEU A 521 -39.76 -5.86 24.35
N GLN A 522 -40.58 -6.92 24.18
CA GLN A 522 -40.39 -7.89 23.11
C GLN A 522 -41.54 -7.76 22.12
N ILE A 523 -41.22 -7.97 20.84
CA ILE A 523 -42.21 -7.89 19.77
C ILE A 523 -42.75 -9.31 19.53
N HIS A 524 -44.05 -9.49 19.77
CA HIS A 524 -44.76 -10.73 19.52
C HIS A 524 -45.88 -10.48 18.50
N PRO A 525 -46.53 -11.53 17.95
CA PRO A 525 -47.69 -11.34 17.07
C PRO A 525 -48.78 -10.50 17.72
N GLN A 526 -49.04 -9.32 17.13
CA GLN A 526 -50.06 -8.40 17.59
C GLN A 526 -49.84 -7.99 19.03
N GLU A 527 -48.59 -7.95 19.50
CA GLU A 527 -48.36 -7.68 20.91
C GLU A 527 -46.97 -7.07 21.14
N LEU A 528 -46.96 -5.90 21.79
CA LEU A 528 -45.78 -5.38 22.46
C LEU A 528 -45.82 -5.83 23.92
N ARG A 529 -44.87 -6.68 24.32
CA ARG A 529 -44.89 -7.24 25.65
C ARG A 529 -43.84 -6.57 26.52
N GLN A 530 -44.29 -5.92 27.60
CA GLN A 530 -43.38 -5.33 28.57
C GLN A 530 -42.78 -6.44 29.44
N ILE A 531 -41.44 -6.57 29.36
CA ILE A 531 -40.72 -7.62 30.05
C ILE A 531 -40.17 -7.11 31.38
N SER A 532 -39.53 -5.92 31.36
CA SER A 532 -38.85 -5.42 32.54
C SER A 532 -38.59 -3.92 32.43
N HIS A 533 -38.21 -3.30 33.54
CA HIS A 533 -37.88 -1.90 33.57
C HIS A 533 -36.90 -1.65 34.70
N THR A 534 -36.23 -0.48 34.68
CA THR A 534 -35.32 -0.11 35.75
C THR A 534 -35.17 1.42 35.76
N GLU A 535 -34.53 1.92 36.81
CA GLU A 535 -34.23 3.33 36.94
C GLU A 535 -32.71 3.46 36.94
N MET A 536 -32.15 4.15 35.94
CA MET A 536 -30.71 4.37 35.90
C MET A 536 -30.35 5.46 36.91
N GLU A 537 -29.07 5.48 37.31
CA GLU A 537 -28.53 6.44 38.27
C GLU A 537 -28.59 7.87 37.74
N HIS A 538 -28.49 8.01 36.41
CA HIS A 538 -28.56 9.31 35.76
C HIS A 538 -29.48 9.22 34.53
N GLU A 539 -29.78 10.39 33.97
CA GLU A 539 -30.60 10.50 32.76
C GLU A 539 -29.89 9.74 31.63
N VAL A 540 -30.68 9.05 30.79
CA VAL A 540 -30.12 8.28 29.69
C VAL A 540 -29.84 9.21 28.50
N ALA A 541 -28.65 9.08 27.90
CA ALA A 541 -28.30 9.86 26.73
C ALA A 541 -28.51 9.07 25.45
N CYS A 542 -28.20 7.77 25.46
CA CYS A 542 -28.19 7.01 24.22
C CYS A 542 -28.24 5.51 24.52
N LEU A 543 -28.75 4.75 23.56
CA LEU A 543 -28.98 3.31 23.73
C LEU A 543 -28.58 2.58 22.45
N ASP A 544 -28.24 1.29 22.60
CA ASP A 544 -28.13 0.40 21.46
C ASP A 544 -28.30 -1.05 21.92
N ILE A 545 -29.00 -1.84 21.08
CA ILE A 545 -29.23 -3.26 21.32
C ILE A 545 -29.00 -4.05 20.03
N THR A 546 -28.01 -3.64 19.24
CA THR A 546 -27.68 -4.36 18.02
C THR A 546 -27.20 -5.76 18.40
N PRO A 547 -27.83 -6.84 17.87
CA PRO A 547 -27.39 -8.21 18.18
C PRO A 547 -26.14 -8.55 17.39
N LEU A 548 -25.13 -9.13 18.07
CA LEU A 548 -23.86 -9.47 17.45
C LEU A 548 -23.66 -10.98 17.45
N GLY A 549 -22.99 -11.49 16.40
CA GLY A 549 -22.43 -12.83 16.41
C GLY A 549 -23.44 -13.89 15.97
N ASP A 550 -23.38 -15.06 16.63
CA ASP A 550 -24.26 -16.17 16.34
C ASP A 550 -25.47 -16.10 17.30
N SER A 551 -26.26 -15.03 17.16
CA SER A 551 -27.17 -14.59 18.21
C SER A 551 -28.64 -14.80 17.84
N ASN A 552 -28.93 -15.06 16.55
CA ASN A 552 -30.29 -15.33 16.10
C ASN A 552 -31.16 -14.08 16.27
N GLY A 553 -30.54 -12.90 16.07
CA GLY A 553 -31.25 -11.62 16.01
C GLY A 553 -31.62 -11.08 17.39
N LEU A 554 -31.18 -11.74 18.46
CA LEU A 554 -31.58 -11.42 19.83
C LEU A 554 -30.36 -10.92 20.59
N SER A 555 -30.49 -9.78 21.27
CA SER A 555 -29.39 -9.27 22.09
C SER A 555 -29.62 -9.60 23.56
N PRO A 556 -28.64 -10.26 24.23
CA PRO A 556 -28.63 -10.37 25.68
C PRO A 556 -28.07 -9.12 26.35
N LEU A 557 -27.63 -8.14 25.53
CA LEU A 557 -26.92 -6.97 26.02
C LEU A 557 -27.68 -5.72 25.63
N CYS A 558 -27.64 -4.72 26.51
CA CYS A 558 -28.03 -3.36 26.19
C CYS A 558 -26.84 -2.45 26.46
N ALA A 559 -26.41 -1.69 25.45
CA ALA A 559 -25.40 -0.66 25.64
C ALA A 559 -26.08 0.68 25.92
N ILE A 560 -25.54 1.44 26.87
CA ILE A 560 -26.18 2.68 27.28
C ILE A 560 -25.10 3.72 27.60
N GLY A 561 -25.35 4.97 27.21
CA GLY A 561 -24.54 6.10 27.65
C GLY A 561 -25.37 7.03 28.52
N LEU A 562 -24.77 7.55 29.61
CA LEU A 562 -25.49 8.35 30.59
C LEU A 562 -24.96 9.79 30.63
N TRP A 563 -25.85 10.70 31.02
CA TRP A 563 -25.53 12.05 31.47
C TRP A 563 -24.72 12.00 32.77
N THR A 564 -24.06 13.14 33.08
CA THR A 564 -23.49 13.43 34.40
C THR A 564 -22.17 12.67 34.59
N ASP A 565 -22.21 11.34 34.72
CA ASP A 565 -20.98 10.59 34.91
C ASP A 565 -20.32 10.33 33.55
N ILE A 566 -21.01 10.63 32.45
CA ILE A 566 -20.45 10.43 31.11
C ILE A 566 -20.00 8.98 30.98
N SER A 567 -20.83 8.02 31.40
CA SER A 567 -20.46 6.62 31.32
C SER A 567 -21.04 5.96 30.07
N ALA A 568 -20.29 4.97 29.57
CA ALA A 568 -20.79 3.95 28.66
C ALA A 568 -20.85 2.65 29.43
N ARG A 569 -22.03 2.01 29.43
CA ARG A 569 -22.23 0.84 30.26
C ARG A 569 -22.79 -0.29 29.41
N ILE A 570 -22.52 -1.51 29.86
CA ILE A 570 -23.10 -2.71 29.27
C ILE A 570 -23.99 -3.32 30.34
N LEU A 571 -25.28 -3.47 30.00
CA LEU A 571 -26.29 -4.02 30.89
C LEU A 571 -26.77 -5.36 30.32
N LYS A 572 -27.15 -6.27 31.23
CA LYS A 572 -27.78 -7.54 30.87
C LYS A 572 -29.27 -7.30 30.65
N LEU A 573 -29.84 -7.90 29.60
CA LEU A 573 -31.29 -8.01 29.47
C LEU A 573 -31.72 -9.43 29.84
N PRO A 574 -32.87 -9.66 30.52
CA PRO A 574 -33.79 -8.59 30.94
C PRO A 574 -33.56 -7.81 32.23
N SER A 575 -32.68 -8.29 33.11
CA SER A 575 -32.55 -7.77 34.47
C SER A 575 -32.07 -6.32 34.53
N PHE A 576 -31.33 -5.88 33.51
CA PHE A 576 -30.63 -4.59 33.51
C PHE A 576 -29.46 -4.58 34.51
N GLU A 577 -28.96 -5.77 34.88
CA GLU A 577 -27.76 -5.88 35.70
C GLU A 577 -26.56 -5.23 34.98
N LEU A 578 -25.79 -4.41 35.72
CA LEU A 578 -24.59 -3.77 35.18
C LEU A 578 -23.49 -4.79 35.03
N LEU A 579 -22.95 -4.93 33.81
CA LEU A 579 -21.87 -5.86 33.54
C LEU A 579 -20.54 -5.11 33.48
N HIS A 580 -20.55 -3.90 32.89
CA HIS A 580 -19.33 -3.15 32.73
C HIS A 580 -19.66 -1.66 32.65
N LYS A 581 -18.79 -0.85 33.25
CA LYS A 581 -18.91 0.60 33.22
C LYS A 581 -17.57 1.22 32.84
N GLU A 582 -17.57 2.12 31.85
CA GLU A 582 -16.41 2.93 31.50
C GLU A 582 -16.78 4.41 31.63
N MET A 583 -16.05 5.15 32.46
CA MET A 583 -16.22 6.60 32.55
C MET A 583 -15.36 7.27 31.51
N LEU A 584 -15.97 8.10 30.66
CA LEU A 584 -15.28 8.63 29.49
C LEU A 584 -14.68 10.01 29.78
N GLY A 585 -14.98 10.60 30.95
CA GLY A 585 -14.39 11.87 31.36
C GLY A 585 -15.06 13.07 30.73
N GLY A 586 -14.75 14.27 31.27
CA GLY A 586 -15.26 15.53 30.74
C GLY A 586 -16.67 15.83 31.25
N GLU A 587 -17.32 16.84 30.65
CA GLU A 587 -18.68 17.21 31.02
C GLU A 587 -19.58 17.26 29.78
N ILE A 588 -19.22 16.50 28.72
CA ILE A 588 -19.99 16.48 27.48
C ILE A 588 -20.57 15.08 27.30
N ILE A 589 -21.90 14.98 27.15
CA ILE A 589 -22.57 13.70 27.24
C ILE A 589 -22.32 12.86 25.99
N PRO A 590 -22.38 11.50 26.11
CA PRO A 590 -22.42 10.62 24.96
C PRO A 590 -23.65 10.93 24.11
N ARG A 591 -23.50 10.83 22.80
CA ARG A 591 -24.61 11.14 21.90
C ARG A 591 -25.01 9.93 21.07
N SER A 592 -24.09 8.99 20.85
CA SER A 592 -24.39 7.85 20.02
C SER A 592 -23.55 6.68 20.52
N ILE A 593 -24.17 5.50 20.64
CA ILE A 593 -23.48 4.33 21.12
C ILE A 593 -23.91 3.15 20.26
N LEU A 594 -22.98 2.23 19.99
CA LEU A 594 -23.23 1.19 19.01
C LEU A 594 -22.34 -0.01 19.31
N MET A 595 -22.99 -1.17 19.35
CA MET A 595 -22.30 -2.45 19.35
C MET A 595 -22.21 -2.91 17.90
N THR A 596 -21.02 -3.35 17.47
CA THR A 596 -20.79 -3.63 16.07
C THR A 596 -19.68 -4.67 15.91
N THR A 597 -19.64 -5.30 14.73
CA THR A 597 -18.66 -6.32 14.41
C THR A 597 -17.86 -5.90 13.18
N PHE A 598 -16.53 -6.06 13.29
CA PHE A 598 -15.60 -5.82 12.20
C PHE A 598 -14.59 -6.97 12.12
N GLU A 599 -14.44 -7.55 10.92
CA GLU A 599 -13.59 -8.71 10.68
C GLU A 599 -13.69 -9.68 11.85
N SER A 600 -14.92 -10.03 12.24
CA SER A 600 -15.21 -11.10 13.18
C SER A 600 -14.91 -10.72 14.62
N SER A 601 -14.57 -9.45 14.89
CA SER A 601 -14.31 -9.02 16.24
C SER A 601 -15.38 -8.00 16.64
N HIS A 602 -15.79 -8.05 17.92
CA HIS A 602 -16.90 -7.26 18.41
C HIS A 602 -16.37 -6.02 19.11
N TYR A 603 -17.04 -4.88 18.90
CA TYR A 603 -16.60 -3.61 19.44
C TYR A 603 -17.77 -2.83 20.01
N LEU A 604 -17.46 -1.98 21.00
CA LEU A 604 -18.35 -0.91 21.40
C LEU A 604 -17.78 0.43 20.92
N LEU A 605 -18.60 1.16 20.17
CA LEU A 605 -18.32 2.52 19.78
C LEU A 605 -19.20 3.45 20.60
N CYS A 606 -18.64 4.56 21.04
CA CYS A 606 -19.40 5.57 21.77
C CYS A 606 -18.88 6.95 21.41
N ALA A 607 -19.74 7.81 20.88
CA ALA A 607 -19.33 9.14 20.43
C ALA A 607 -19.90 10.20 21.36
N LEU A 608 -19.05 11.17 21.70
CA LEU A 608 -19.45 12.33 22.49
C LEU A 608 -19.88 13.46 21.56
N GLY A 609 -20.48 14.48 22.15
CA GLY A 609 -21.01 15.61 21.41
C GLY A 609 -19.92 16.56 20.90
N ASP A 610 -18.67 16.37 21.37
CA ASP A 610 -17.56 17.26 21.04
C ASP A 610 -16.71 16.67 19.92
N GLY A 611 -17.12 15.51 19.38
CA GLY A 611 -16.49 14.94 18.20
C GLY A 611 -15.59 13.77 18.56
N ALA A 612 -15.30 13.59 19.85
CA ALA A 612 -14.54 12.45 20.33
C ALA A 612 -15.27 11.15 20.03
N LEU A 613 -14.51 10.09 19.72
CA LEU A 613 -15.07 8.76 19.59
C LEU A 613 -14.19 7.78 20.37
N PHE A 614 -14.80 7.14 21.39
CA PHE A 614 -14.16 6.04 22.09
C PHE A 614 -14.57 4.73 21.46
N TYR A 615 -13.64 3.77 21.44
CA TYR A 615 -13.96 2.43 21.00
C TYR A 615 -13.17 1.42 21.83
N PHE A 616 -13.79 0.24 21.99
CA PHE A 616 -13.36 -0.78 22.93
C PHE A 616 -13.64 -2.15 22.32
N GLY A 617 -12.79 -3.12 22.66
CA GLY A 617 -13.15 -4.51 22.42
C GLY A 617 -14.33 -4.89 23.31
N LEU A 618 -15.28 -5.63 22.74
CA LEU A 618 -16.47 -6.04 23.45
C LEU A 618 -16.53 -7.56 23.44
N ASN A 619 -16.60 -8.16 24.63
CA ASN A 619 -16.92 -9.56 24.79
C ASN A 619 -18.44 -9.70 24.91
N ILE A 620 -19.08 -10.37 23.96
CA ILE A 620 -20.53 -10.39 23.91
C ILE A 620 -21.08 -11.43 24.90
N GLU A 621 -20.19 -12.15 25.58
CA GLU A 621 -20.57 -13.14 26.56
C GLU A 621 -20.64 -12.50 27.94
N THR A 622 -19.52 -11.87 28.36
CA THR A 622 -19.37 -11.36 29.72
C THR A 622 -19.77 -9.88 29.80
N GLY A 623 -19.74 -9.18 28.65
CA GLY A 623 -20.03 -7.75 28.60
C GLY A 623 -18.81 -6.89 28.90
N LEU A 624 -17.65 -7.52 29.02
CA LEU A 624 -16.40 -6.83 29.30
C LEU A 624 -16.04 -5.93 28.12
N LEU A 625 -15.69 -4.66 28.42
CA LEU A 625 -15.04 -3.76 27.50
C LEU A 625 -13.54 -3.74 27.80
N SER A 626 -12.69 -3.65 26.75
CA SER A 626 -11.25 -3.58 26.97
C SER A 626 -10.57 -2.70 25.92
N ASP A 627 -9.26 -2.46 26.16
CA ASP A 627 -8.35 -1.81 25.25
C ASP A 627 -8.96 -0.54 24.66
N ARG A 628 -9.37 0.38 25.54
CA ARG A 628 -9.93 1.66 25.13
C ARG A 628 -8.99 2.39 24.16
N LYS A 629 -9.57 2.87 23.06
CA LYS A 629 -8.88 3.78 22.16
C LYS A 629 -9.81 4.96 21.86
N LYS A 630 -9.22 6.07 21.41
CA LYS A 630 -9.94 7.32 21.20
C LYS A 630 -9.40 8.03 19.97
N VAL A 631 -10.28 8.30 19.00
CA VAL A 631 -9.95 9.19 17.89
C VAL A 631 -10.87 10.39 17.99
N THR A 632 -10.64 11.40 17.15
CA THR A 632 -11.50 12.56 17.09
C THR A 632 -11.94 12.73 15.63
N LEU A 633 -13.26 12.85 15.42
CA LEU A 633 -13.86 12.69 14.10
C LEU A 633 -14.53 13.98 13.64
N GLY A 634 -14.19 15.11 14.27
CA GLY A 634 -14.91 16.35 14.07
C GLY A 634 -15.05 17.10 15.38
N THR A 635 -15.95 18.10 15.41
CA THR A 635 -16.19 18.88 16.62
C THR A 635 -17.67 18.91 16.96
N GLN A 636 -18.54 18.40 16.07
CA GLN A 636 -19.97 18.31 16.33
C GLN A 636 -20.28 16.94 16.92
N PRO A 637 -21.49 16.74 17.49
CA PRO A 637 -21.96 15.40 17.82
C PRO A 637 -21.83 14.50 16.61
N THR A 638 -21.29 13.30 16.84
CA THR A 638 -21.22 12.25 15.83
C THR A 638 -22.42 11.31 16.01
N VAL A 639 -23.06 10.96 14.89
CA VAL A 639 -24.10 9.95 14.88
C VAL A 639 -23.62 8.76 14.05
N LEU A 640 -23.65 7.57 14.67
CA LEU A 640 -23.12 6.35 14.09
C LEU A 640 -24.28 5.52 13.53
N ARG A 641 -24.03 4.84 12.40
CA ARG A 641 -25.04 4.01 11.75
C ARG A 641 -24.35 2.98 10.85
N THR A 642 -24.77 1.70 10.93
CA THR A 642 -24.19 0.66 10.10
C THR A 642 -24.73 0.78 8.68
N PHE A 643 -23.91 0.33 7.70
CA PHE A 643 -24.35 0.11 6.33
C PHE A 643 -23.52 -1.02 5.73
N ARG A 644 -24.04 -1.61 4.64
CA ARG A 644 -23.30 -2.61 3.87
C ARG A 644 -22.89 -2.03 2.53
N SER A 645 -21.67 -2.38 2.09
CA SER A 645 -21.31 -2.29 0.68
C SER A 645 -20.21 -3.31 0.41
N LEU A 646 -20.27 -3.89 -0.80
CA LEU A 646 -19.41 -4.97 -1.24
C LEU A 646 -19.36 -6.05 -0.16
N SER A 647 -20.55 -6.45 0.34
CA SER A 647 -20.70 -7.57 1.26
C SER A 647 -19.82 -7.41 2.51
N THR A 648 -19.71 -6.16 3.02
CA THR A 648 -19.00 -5.91 4.26
C THR A 648 -19.77 -4.88 5.08
N THR A 649 -19.85 -5.09 6.40
CA THR A 649 -20.56 -4.19 7.30
C THR A 649 -19.59 -3.11 7.80
N ASN A 650 -20.00 -1.85 7.71
CA ASN A 650 -19.19 -0.73 8.18
C ASN A 650 -20.06 0.28 8.91
N VAL A 651 -19.43 1.32 9.47
CA VAL A 651 -20.16 2.33 10.22
C VAL A 651 -19.92 3.68 9.57
N PHE A 652 -21.02 4.35 9.25
CA PHE A 652 -20.96 5.73 8.81
C PHE A 652 -21.11 6.64 10.02
N ALA A 653 -20.15 7.55 10.17
CA ALA A 653 -20.16 8.53 11.26
C ALA A 653 -20.55 9.89 10.69
N CYS A 654 -21.76 10.33 11.04
CA CYS A 654 -22.27 11.62 10.64
C CYS A 654 -21.70 12.71 11.53
N SER A 655 -21.03 13.68 10.92
CA SER A 655 -20.60 14.89 11.61
C SER A 655 -20.26 15.94 10.56
N ASP A 656 -19.63 17.03 11.03
CA ASP A 656 -19.02 18.03 10.16
C ASP A 656 -17.89 17.41 9.34
N ARG A 657 -17.31 16.31 9.84
CA ARG A 657 -16.29 15.54 9.13
C ARG A 657 -16.81 14.12 8.91
N PRO A 658 -17.67 13.88 7.90
CA PRO A 658 -18.27 12.56 7.73
C PRO A 658 -17.16 11.55 7.44
N THR A 659 -17.30 10.38 8.07
CA THR A 659 -16.23 9.39 8.13
C THR A 659 -16.85 8.01 7.94
N VAL A 660 -16.09 7.09 7.34
CA VAL A 660 -16.40 5.67 7.43
C VAL A 660 -15.42 5.00 8.39
N ILE A 661 -15.98 4.21 9.32
CA ILE A 661 -15.21 3.38 10.23
C ILE A 661 -15.23 1.96 9.69
N TYR A 662 -14.04 1.34 9.60
CA TYR A 662 -13.92 0.01 9.04
C TYR A 662 -12.67 -0.65 9.64
N SER A 663 -12.42 -1.89 9.21
CA SER A 663 -11.34 -2.68 9.77
C SER A 663 -10.34 -3.03 8.67
N SER A 664 -9.06 -3.02 9.05
CA SER A 664 -7.96 -3.43 8.19
C SER A 664 -6.88 -4.06 9.07
N ASN A 665 -6.54 -5.32 8.78
CA ASN A 665 -5.57 -6.09 9.55
C ASN A 665 -6.01 -6.12 11.01
N HIS A 666 -7.32 -6.30 11.24
CA HIS A 666 -7.90 -6.39 12.57
C HIS A 666 -7.59 -5.17 13.43
N LYS A 667 -7.50 -3.99 12.79
CA LYS A 667 -7.41 -2.74 13.52
C LYS A 667 -8.44 -1.79 12.89
N LEU A 668 -9.07 -0.95 13.71
CA LEU A 668 -10.08 -0.03 13.20
C LEU A 668 -9.39 1.07 12.41
N VAL A 669 -10.02 1.50 11.33
CA VAL A 669 -9.51 2.52 10.43
C VAL A 669 -10.61 3.54 10.18
N PHE A 670 -10.20 4.78 9.94
CA PHE A 670 -11.11 5.91 9.83
C PHE A 670 -10.74 6.73 8.61
N SER A 671 -11.65 6.79 7.63
CA SER A 671 -11.37 7.44 6.36
C SER A 671 -12.42 8.50 6.07
N ASN A 672 -11.96 9.69 5.66
CA ASN A 672 -12.83 10.82 5.39
C ASN A 672 -13.72 10.48 4.19
N VAL A 673 -14.97 10.96 4.25
CA VAL A 673 -15.88 10.96 3.11
C VAL A 673 -15.82 12.37 2.53
N ASN A 674 -15.70 12.46 1.20
CA ASN A 674 -15.53 13.77 0.56
C ASN A 674 -16.91 14.36 0.29
N LEU A 675 -17.51 14.87 1.37
CA LEU A 675 -18.78 15.57 1.35
C LEU A 675 -18.70 16.69 2.38
N LYS A 676 -19.57 17.70 2.24
CA LYS A 676 -19.78 18.68 3.29
C LYS A 676 -20.52 17.99 4.44
N GLU A 677 -20.91 18.76 5.47
CA GLU A 677 -21.54 18.21 6.66
C GLU A 677 -22.73 17.31 6.31
N VAL A 678 -22.73 16.09 6.87
CA VAL A 678 -23.85 15.17 6.86
C VAL A 678 -24.39 15.05 8.28
N ASN A 679 -25.70 15.24 8.46
CA ASN A 679 -26.31 15.18 9.78
C ASN A 679 -26.86 13.78 10.09
N TYR A 680 -27.48 13.14 9.11
CA TYR A 680 -28.10 11.83 9.29
C TYR A 680 -27.92 11.02 8.01
N MET A 681 -27.86 9.69 8.17
CA MET A 681 -27.85 8.82 7.02
C MET A 681 -28.53 7.51 7.35
N CYS A 682 -28.95 6.80 6.31
CA CYS A 682 -29.27 5.40 6.43
C CYS A 682 -28.94 4.71 5.13
N PRO A 683 -28.69 3.38 5.17
CA PRO A 683 -28.58 2.60 3.96
C PRO A 683 -29.96 2.60 3.32
N LEU A 684 -29.99 2.51 1.98
CA LEU A 684 -31.22 2.40 1.21
C LEU A 684 -30.98 1.48 0.02
N ASN A 685 -31.75 0.40 -0.07
CA ASN A 685 -31.57 -0.59 -1.12
C ASN A 685 -32.90 -0.81 -1.82
N SER A 686 -33.27 0.12 -2.73
CA SER A 686 -34.55 0.07 -3.43
C SER A 686 -34.36 -0.26 -4.91
N ASP A 687 -35.46 -0.62 -5.57
CA ASP A 687 -35.47 -0.94 -6.99
C ASP A 687 -34.71 0.12 -7.77
N GLY A 688 -35.08 1.40 -7.57
CA GLY A 688 -34.52 2.50 -8.34
C GLY A 688 -33.17 2.99 -7.81
N TYR A 689 -32.90 2.76 -6.52
CA TYR A 689 -31.63 3.13 -5.91
C TYR A 689 -31.06 1.92 -5.17
N PRO A 690 -30.51 0.93 -5.91
CA PRO A 690 -29.96 -0.27 -5.27
C PRO A 690 -28.68 0.05 -4.49
N ASP A 691 -28.45 -0.74 -3.43
CA ASP A 691 -27.25 -0.68 -2.59
C ASP A 691 -26.75 0.75 -2.45
N SER A 692 -27.60 1.64 -1.92
CA SER A 692 -27.31 3.07 -1.86
C SER A 692 -27.30 3.56 -0.41
N LEU A 693 -27.07 4.87 -0.26
CA LEU A 693 -27.09 5.58 1.00
C LEU A 693 -28.01 6.78 0.86
N ALA A 694 -28.87 7.01 1.85
CA ALA A 694 -29.63 8.24 1.93
C ALA A 694 -28.92 9.16 2.93
N LEU A 695 -28.69 10.41 2.53
CA LEU A 695 -27.87 11.35 3.28
C LEU A 695 -28.68 12.63 3.46
N ALA A 696 -28.58 13.26 4.64
CA ALA A 696 -29.28 14.51 4.88
C ALA A 696 -28.39 15.49 5.63
N ASN A 697 -28.46 16.76 5.17
CA ASN A 697 -27.90 17.89 5.90
C ASN A 697 -29.08 18.76 6.35
N ASN A 698 -28.82 20.03 6.65
CA ASN A 698 -29.82 20.94 7.19
C ASN A 698 -30.92 21.28 6.18
N SER A 699 -30.61 21.14 4.87
CA SER A 699 -31.50 21.66 3.83
C SER A 699 -31.88 20.58 2.80
N THR A 700 -31.15 19.47 2.73
CA THR A 700 -31.18 18.62 1.54
C THR A 700 -31.14 17.14 1.90
N LEU A 701 -31.91 16.35 1.14
CA LEU A 701 -31.85 14.90 1.14
C LEU A 701 -31.16 14.43 -0.12
N THR A 702 -30.15 13.56 0.02
CA THR A 702 -29.40 13.00 -1.09
C THR A 702 -29.55 11.49 -1.09
N ILE A 703 -29.47 10.88 -2.27
CA ILE A 703 -29.38 9.44 -2.40
C ILE A 703 -28.28 9.11 -3.40
N GLY A 704 -27.30 8.30 -2.99
CA GLY A 704 -26.18 7.98 -3.86
C GLY A 704 -25.54 6.64 -3.49
N THR A 705 -24.49 6.27 -4.25
CA THR A 705 -23.66 5.11 -3.96
C THR A 705 -22.30 5.59 -3.47
N ILE A 706 -21.58 4.70 -2.79
CA ILE A 706 -20.30 5.02 -2.19
C ILE A 706 -19.21 4.24 -2.92
N ASP A 707 -18.04 4.87 -3.07
CA ASP A 707 -16.85 4.22 -3.61
C ASP A 707 -16.33 3.17 -2.63
N GLU A 708 -15.29 2.45 -3.06
CA GLU A 708 -14.65 1.43 -2.24
C GLU A 708 -14.16 2.08 -0.94
N ILE A 709 -14.25 1.33 0.16
CA ILE A 709 -13.84 1.85 1.46
C ILE A 709 -12.33 1.66 1.61
N GLN A 710 -11.57 2.76 1.47
CA GLN A 710 -10.12 2.76 1.61
C GLN A 710 -9.66 4.20 1.81
N LYS A 711 -8.38 4.37 2.19
CA LYS A 711 -7.85 5.68 2.54
C LYS A 711 -7.61 6.50 1.27
N LEU A 712 -7.14 5.85 0.19
CA LEU A 712 -6.79 6.54 -1.05
C LEU A 712 -7.57 5.90 -2.19
N HIS A 713 -8.07 6.74 -3.09
CA HIS A 713 -8.69 6.27 -4.31
C HIS A 713 -7.68 6.42 -5.45
N ILE A 714 -7.57 5.38 -6.28
CA ILE A 714 -6.58 5.28 -7.34
C ILE A 714 -7.31 5.05 -8.66
N ARG A 715 -7.08 5.95 -9.64
CA ARG A 715 -7.54 5.72 -10.99
C ARG A 715 -6.35 5.26 -11.83
N THR A 716 -6.55 4.25 -12.69
CA THR A 716 -5.49 3.72 -13.53
C THR A 716 -5.75 4.09 -14.99
N VAL A 717 -4.71 4.60 -15.66
CA VAL A 717 -4.73 4.91 -17.08
C VAL A 717 -3.67 4.04 -17.75
N PRO A 718 -4.04 2.88 -18.36
CA PRO A 718 -3.10 2.03 -19.07
C PRO A 718 -2.50 2.76 -20.28
N LEU A 719 -1.18 2.65 -20.43
CA LEU A 719 -0.46 3.18 -21.58
C LEU A 719 0.07 2.07 -22.48
N TYR A 720 0.25 0.87 -21.92
CA TYR A 720 0.78 -0.30 -22.64
C TYR A 720 2.23 -0.06 -23.08
N GLU A 721 2.90 0.93 -22.48
CA GLU A 721 4.31 1.22 -22.72
C GLU A 721 4.85 1.94 -21.48
N SER A 722 6.17 2.14 -21.43
CA SER A 722 6.84 2.67 -20.24
C SER A 722 6.73 4.19 -20.19
N PRO A 723 6.01 4.79 -19.19
CA PRO A 723 6.08 6.24 -18.97
C PRO A 723 7.36 6.57 -18.24
N ARG A 724 7.90 7.78 -18.48
CA ARG A 724 9.23 8.14 -17.99
C ARG A 724 9.20 9.44 -17.18
N LYS A 725 8.48 10.46 -17.68
CA LYS A 725 8.37 11.74 -16.99
C LYS A 725 6.99 12.33 -17.25
N ILE A 726 6.56 13.23 -16.34
CA ILE A 726 5.26 13.86 -16.45
C ILE A 726 5.37 15.32 -16.05
N CYS A 727 4.58 16.18 -16.71
N CYS A 727 4.58 16.17 -16.72
CA CYS A 727 4.43 17.56 -16.29
CA CYS A 727 4.40 17.56 -16.33
C CYS A 727 3.02 18.01 -16.65
C CYS A 727 2.98 17.96 -16.62
N TYR A 728 2.51 18.98 -15.90
CA TYR A 728 1.17 19.51 -16.10
C TYR A 728 1.27 20.84 -16.83
N GLN A 729 0.34 21.07 -17.76
CA GLN A 729 0.26 22.33 -18.48
C GLN A 729 -1.14 22.90 -18.33
N GLU A 730 -1.29 23.79 -17.35
CA GLU A 730 -2.59 24.28 -16.94
C GLU A 730 -3.30 24.93 -18.12
N VAL A 731 -2.58 25.75 -18.90
CA VAL A 731 -3.21 26.52 -19.97
C VAL A 731 -3.80 25.58 -21.03
N SER A 732 -3.23 24.37 -21.20
CA SER A 732 -3.72 23.44 -22.21
C SER A 732 -4.67 22.39 -21.61
N GLN A 733 -4.79 22.35 -20.28
CA GLN A 733 -5.65 21.39 -19.60
C GLN A 733 -5.21 19.97 -19.98
N CYS A 734 -3.90 19.77 -20.08
N CYS A 734 -3.89 19.79 -20.09
CA CYS A 734 -3.35 18.47 -20.42
CA CYS A 734 -3.30 18.53 -20.50
C CYS A 734 -2.09 18.23 -19.63
C CYS A 734 -2.06 18.25 -19.66
N PHE A 735 -1.66 16.97 -19.65
CA PHE A 735 -0.37 16.55 -19.14
C PHE A 735 0.53 16.30 -20.34
N GLY A 736 1.82 16.57 -20.17
CA GLY A 736 2.82 16.01 -21.06
C GLY A 736 3.47 14.80 -20.40
N VAL A 737 3.61 13.70 -21.14
CA VAL A 737 4.24 12.51 -20.61
C VAL A 737 5.23 11.97 -21.62
N LEU A 738 6.49 11.85 -21.20
CA LEU A 738 7.50 11.17 -21.98
C LEU A 738 7.30 9.67 -21.79
N SER A 739 7.39 8.92 -22.90
CA SER A 739 7.17 7.48 -22.88
C SER A 739 8.13 6.79 -23.85
N SER A 740 8.35 5.50 -23.61
CA SER A 740 9.15 4.70 -24.52
C SER A 740 8.47 3.36 -24.72
N ARG A 741 8.52 2.85 -25.96
CA ARG A 741 8.06 1.52 -26.29
C ARG A 741 9.18 0.77 -26.99
N ILE A 742 9.16 -0.57 -26.82
CA ILE A 742 10.11 -1.48 -27.42
C ILE A 742 9.57 -1.88 -28.80
N GLU A 743 10.45 -1.86 -29.81
CA GLU A 743 10.18 -2.45 -31.13
C GLU A 743 11.34 -3.37 -31.50
N VAL A 744 11.11 -4.31 -32.43
CA VAL A 744 12.11 -5.31 -32.75
C VAL A 744 12.66 -5.06 -34.16
N GLN A 745 13.86 -5.62 -34.42
CA GLN A 745 14.54 -5.49 -35.69
C GLN A 745 13.72 -6.16 -36.80
N GLY A 750 13.26 -1.50 -41.01
CA GLY A 750 13.61 -0.93 -39.69
C GLY A 750 13.02 -1.75 -38.54
N THR A 751 12.27 -1.08 -37.65
CA THR A 751 11.80 -1.68 -36.42
C THR A 751 10.29 -1.84 -36.47
N THR A 752 9.77 -2.81 -35.70
CA THR A 752 8.35 -3.15 -35.71
C THR A 752 7.86 -3.40 -34.27
N ALA A 753 6.62 -2.98 -33.99
CA ALA A 753 6.08 -2.91 -32.63
C ALA A 753 5.42 -4.23 -32.22
N LEU A 754 5.42 -4.49 -30.90
CA LEU A 754 4.99 -5.76 -30.33
C LEU A 754 3.47 -5.76 -30.15
N ARG A 755 2.91 -4.57 -29.90
CA ARG A 755 1.49 -4.40 -29.67
C ARG A 755 1.17 -2.91 -29.82
N PRO A 756 -0.12 -2.52 -29.92
CA PRO A 756 -0.48 -1.10 -29.87
C PRO A 756 -0.31 -0.51 -28.48
N SER A 757 -0.07 0.80 -28.41
CA SER A 757 0.14 1.48 -27.13
C SER A 757 -0.09 2.99 -27.28
N ALA A 758 -0.05 3.71 -26.16
CA ALA A 758 -0.41 5.13 -26.12
C ALA A 758 0.19 5.90 -27.29
N SER A 759 1.47 5.64 -27.59
CA SER A 759 2.21 6.43 -28.58
C SER A 759 1.89 6.03 -30.02
N THR A 760 1.17 4.93 -30.24
CA THR A 760 0.77 4.51 -31.57
C THR A 760 -0.73 4.65 -31.73
N GLN A 761 -1.43 5.17 -30.70
CA GLN A 761 -2.89 5.22 -30.70
C GLN A 761 -3.38 6.61 -30.33
N ALA A 762 -2.53 7.64 -30.55
CA ALA A 762 -2.93 9.01 -30.33
C ALA A 762 -3.94 9.44 -31.40
N LEU A 763 -4.72 10.50 -31.12
CA LEU A 763 -5.63 11.06 -32.12
C LEU A 763 -4.87 11.55 -33.35
N SER A 764 -3.81 12.33 -33.13
CA SER A 764 -2.88 12.70 -34.19
C SER A 764 -1.44 12.47 -33.73
N SER A 765 -0.53 12.45 -34.71
CA SER A 765 0.86 12.12 -34.50
C SER A 765 1.77 13.08 -35.28
N SER A 766 2.95 13.33 -34.73
CA SER A 766 4.04 14.00 -35.43
C SER A 766 5.33 13.21 -35.17
N VAL A 767 6.36 13.46 -36.00
CA VAL A 767 7.63 12.74 -35.91
C VAL A 767 8.74 13.79 -36.10
N SER A 768 9.87 13.61 -35.41
CA SER A 768 11.01 14.49 -35.63
C SER A 768 11.58 14.21 -37.02
N SER A 769 11.91 15.28 -37.77
CA SER A 769 12.40 15.14 -39.13
C SER A 769 13.84 14.60 -39.12
N GLU A 786 18.03 -7.60 -32.28
CA GLU A 786 17.97 -6.94 -30.94
C GLU A 786 16.72 -6.07 -30.86
N GLU A 787 16.52 -5.43 -29.70
CA GLU A 787 15.36 -4.59 -29.43
C GLU A 787 15.80 -3.13 -29.35
N VAL A 788 14.88 -2.21 -29.68
CA VAL A 788 15.17 -0.77 -29.62
C VAL A 788 14.06 -0.04 -28.87
N GLU A 789 14.44 1.02 -28.15
CA GLU A 789 13.48 1.92 -27.52
C GLU A 789 13.14 3.04 -28.50
N VAL A 790 11.83 3.29 -28.66
CA VAL A 790 11.35 4.42 -29.43
C VAL A 790 10.67 5.35 -28.44
N HIS A 791 11.15 6.60 -28.39
CA HIS A 791 10.72 7.57 -27.40
C HIS A 791 9.73 8.58 -27.98
N ASN A 792 8.80 8.99 -27.12
CA ASN A 792 7.66 9.80 -27.50
C ASN A 792 7.34 10.81 -26.40
N LEU A 793 6.76 11.93 -26.80
CA LEU A 793 6.08 12.87 -25.94
C LEU A 793 4.58 12.74 -26.19
N LEU A 794 3.84 12.27 -25.17
CA LEU A 794 2.39 12.13 -25.23
C LEU A 794 1.73 13.37 -24.67
N ILE A 795 0.67 13.84 -25.33
CA ILE A 795 -0.16 14.89 -24.78
C ILE A 795 -1.50 14.27 -24.38
N ILE A 796 -1.83 14.38 -23.08
CA ILE A 796 -2.92 13.59 -22.50
C ILE A 796 -3.92 14.54 -21.82
N ASP A 797 -5.20 14.37 -22.15
CA ASP A 797 -6.24 15.25 -21.64
C ASP A 797 -6.44 15.01 -20.14
N GLN A 798 -6.63 16.09 -19.38
CA GLN A 798 -6.58 16.02 -17.92
C GLN A 798 -7.86 15.43 -17.33
N HIS A 799 -8.93 15.37 -18.14
CA HIS A 799 -10.24 14.88 -17.71
C HIS A 799 -10.46 13.45 -18.19
N THR A 800 -10.26 13.19 -19.49
CA THR A 800 -10.53 11.88 -20.06
C THR A 800 -9.29 10.99 -20.02
N PHE A 801 -8.11 11.61 -19.93
CA PHE A 801 -6.82 10.93 -20.05
C PHE A 801 -6.68 10.26 -21.42
N GLU A 802 -7.36 10.81 -22.42
CA GLU A 802 -7.23 10.39 -23.81
C GLU A 802 -5.90 10.89 -24.34
N VAL A 803 -5.23 10.09 -25.18
CA VAL A 803 -3.99 10.51 -25.80
C VAL A 803 -4.36 11.35 -27.02
N LEU A 804 -4.19 12.68 -26.89
CA LEU A 804 -4.59 13.62 -27.93
C LEU A 804 -3.56 13.65 -29.04
N HIS A 805 -2.27 13.58 -28.67
CA HIS A 805 -1.18 13.72 -29.61
C HIS A 805 0.02 12.94 -29.11
N ALA A 806 0.78 12.38 -30.05
CA ALA A 806 2.07 11.75 -29.78
C ALA A 806 3.10 12.27 -30.78
N HIS A 807 4.22 12.78 -30.26
CA HIS A 807 5.37 13.17 -31.07
C HIS A 807 6.50 12.17 -30.83
N GLN A 808 6.96 11.54 -31.92
CA GLN A 808 8.04 10.57 -31.85
C GLN A 808 9.38 11.24 -32.14
N PHE A 809 10.39 10.92 -31.31
CA PHE A 809 11.72 11.48 -31.45
C PHE A 809 12.50 10.68 -32.49
N LEU A 810 13.74 11.13 -32.79
CA LEU A 810 14.57 10.53 -33.82
C LEU A 810 14.96 9.11 -33.39
N GLN A 811 15.33 8.30 -34.38
CA GLN A 811 15.89 6.98 -34.09
C GLN A 811 17.07 7.14 -33.14
N ASN A 812 17.08 6.30 -32.08
CA ASN A 812 18.14 6.30 -31.08
C ASN A 812 18.15 7.56 -30.23
N GLU A 813 17.10 8.38 -30.28
CA GLU A 813 17.01 9.54 -29.40
C GLU A 813 16.22 9.12 -28.17
N TYR A 814 16.81 9.28 -26.97
CA TYR A 814 16.13 9.01 -25.70
C TYR A 814 15.74 10.33 -25.04
N ALA A 815 14.45 10.46 -24.73
CA ALA A 815 13.92 11.61 -24.01
C ALA A 815 14.10 11.42 -22.51
N LEU A 816 14.81 12.37 -21.87
CA LEU A 816 15.28 12.24 -20.51
C LEU A 816 14.62 13.24 -19.57
N SER A 817 14.20 14.42 -20.08
CA SER A 817 13.77 15.49 -19.21
C SER A 817 12.67 16.30 -19.87
N LEU A 818 11.81 16.87 -19.03
CA LEU A 818 10.59 17.51 -19.49
C LEU A 818 10.19 18.64 -18.54
N VAL A 819 9.74 19.77 -19.11
CA VAL A 819 9.18 20.85 -18.32
C VAL A 819 8.07 21.47 -19.15
N SER A 820 7.11 22.10 -18.46
CA SER A 820 6.15 22.99 -19.07
C SER A 820 6.34 24.37 -18.44
N CYS A 821 6.58 25.39 -19.27
CA CYS A 821 6.88 26.72 -18.76
C CYS A 821 6.83 27.76 -19.86
N LYS A 822 6.77 29.01 -19.42
CA LYS A 822 6.96 30.18 -20.26
C LYS A 822 8.39 30.67 -20.05
N LEU A 823 8.93 31.37 -21.06
CA LEU A 823 10.28 31.90 -20.97
C LEU A 823 10.30 33.36 -21.44
N GLY A 824 11.22 34.13 -20.85
CA GLY A 824 11.55 35.47 -21.31
C GLY A 824 10.31 36.37 -21.30
N LYS A 825 10.08 37.06 -22.42
CA LYS A 825 8.93 37.94 -22.57
C LYS A 825 7.90 37.29 -23.47
N ASP A 826 8.10 36.00 -23.80
CA ASP A 826 7.18 35.29 -24.67
C ASP A 826 6.02 34.78 -23.82
N PRO A 827 4.74 35.08 -24.19
CA PRO A 827 3.58 34.67 -23.38
C PRO A 827 3.10 33.23 -23.54
N ASN A 828 3.60 32.52 -24.56
CA ASN A 828 3.22 31.13 -24.76
C ASN A 828 3.80 30.25 -23.64
N THR A 829 3.07 29.19 -23.31
CA THR A 829 3.61 28.12 -22.49
C THR A 829 4.03 26.99 -23.41
N TYR A 830 5.25 26.47 -23.21
CA TYR A 830 5.80 25.43 -24.04
C TYR A 830 6.05 24.16 -23.24
N PHE A 831 6.02 23.02 -23.96
CA PHE A 831 6.61 21.76 -23.53
C PHE A 831 8.05 21.71 -24.05
N ILE A 832 9.00 21.52 -23.15
CA ILE A 832 10.41 21.49 -23.49
C ILE A 832 10.97 20.14 -23.06
N VAL A 833 11.66 19.47 -24.00
CA VAL A 833 12.18 18.13 -23.80
C VAL A 833 13.69 18.15 -24.02
N GLY A 834 14.41 17.52 -23.09
CA GLY A 834 15.83 17.29 -23.22
C GLY A 834 16.09 15.81 -23.54
N THR A 835 17.01 15.57 -24.48
CA THR A 835 17.25 14.23 -25.01
C THR A 835 18.73 13.89 -24.99
N ALA A 836 19.00 12.64 -25.37
CA ALA A 836 20.34 12.11 -25.59
C ALA A 836 20.30 11.15 -26.77
N MET A 837 21.33 11.23 -27.63
CA MET A 837 21.52 10.28 -28.73
C MET A 837 22.39 9.14 -28.23
N VAL A 838 21.88 7.92 -28.29
CA VAL A 838 22.48 6.78 -27.61
C VAL A 838 23.12 5.85 -28.64
N TYR A 839 24.46 5.70 -28.57
CA TYR A 839 25.20 4.80 -29.45
C TYR A 839 25.96 3.77 -28.60
N PRO A 840 26.05 2.49 -29.04
CA PRO A 840 26.51 1.40 -28.18
C PRO A 840 27.91 1.55 -27.58
N GLU A 841 28.85 2.10 -28.34
CA GLU A 841 30.25 2.10 -27.91
C GLU A 841 30.54 3.33 -27.04
N GLU A 842 29.57 4.24 -26.88
CA GLU A 842 29.79 5.45 -26.11
C GLU A 842 29.61 5.17 -24.62
N ALA A 843 30.61 5.55 -23.83
CA ALA A 843 30.56 5.43 -22.38
C ALA A 843 29.36 6.22 -21.85
N GLU A 844 29.27 7.47 -22.30
CA GLU A 844 28.07 8.28 -22.11
C GLU A 844 27.79 9.01 -23.42
N PRO A 845 26.59 9.60 -23.59
CA PRO A 845 26.25 10.31 -24.83
C PRO A 845 27.14 11.52 -25.06
N LYS A 846 27.45 11.80 -26.33
CA LYS A 846 28.21 12.98 -26.71
C LYS A 846 27.34 13.91 -27.55
N GLN A 847 26.05 13.58 -27.68
CA GLN A 847 25.13 14.38 -28.46
C GLN A 847 23.72 14.29 -27.86
N GLY A 848 22.97 15.40 -27.92
CA GLY A 848 21.57 15.41 -27.55
C GLY A 848 20.90 16.70 -28.01
N ARG A 849 19.60 16.85 -27.69
CA ARG A 849 18.84 18.02 -28.07
C ARG A 849 18.03 18.59 -26.91
N ILE A 850 17.82 19.91 -26.96
CA ILE A 850 16.69 20.56 -26.30
C ILE A 850 15.71 20.99 -27.37
N VAL A 851 14.45 20.54 -27.24
CA VAL A 851 13.40 20.83 -28.19
C VAL A 851 12.26 21.55 -27.47
N VAL A 852 11.87 22.71 -28.02
CA VAL A 852 10.77 23.51 -27.52
C VAL A 852 9.56 23.24 -28.42
N PHE A 853 8.48 22.72 -27.81
CA PHE A 853 7.25 22.45 -28.51
C PHE A 853 6.16 23.39 -28.00
N GLN A 854 5.18 23.66 -28.87
CA GLN A 854 3.98 24.38 -28.52
C GLN A 854 2.81 23.46 -28.86
N TYR A 855 1.89 23.28 -27.91
CA TYR A 855 0.69 22.51 -28.17
C TYR A 855 -0.44 23.48 -28.53
N SER A 856 -0.88 23.42 -29.80
CA SER A 856 -1.97 24.23 -30.33
C SER A 856 -2.78 23.39 -31.33
N ASP A 857 -4.10 23.56 -31.30
CA ASP A 857 -5.01 22.96 -32.28
C ASP A 857 -4.76 21.46 -32.42
N GLY A 858 -4.53 20.78 -31.29
CA GLY A 858 -4.54 19.32 -31.26
C GLY A 858 -3.21 18.69 -31.69
N LYS A 859 -2.17 19.51 -31.92
CA LYS A 859 -0.89 19.00 -32.39
C LYS A 859 0.24 19.72 -31.68
N LEU A 860 1.40 19.08 -31.65
CA LEU A 860 2.64 19.72 -31.20
C LEU A 860 3.40 20.27 -32.41
N GLN A 861 3.67 21.57 -32.40
CA GLN A 861 4.58 22.21 -33.34
C GLN A 861 5.95 22.33 -32.69
N THR A 862 7.01 21.99 -33.42
CA THR A 862 8.37 22.24 -32.97
C THR A 862 8.67 23.71 -33.21
N VAL A 863 8.90 24.47 -32.13
CA VAL A 863 9.10 25.90 -32.22
C VAL A 863 10.59 26.19 -32.38
N ALA A 864 11.44 25.43 -31.69
CA ALA A 864 12.87 25.65 -31.75
C ALA A 864 13.61 24.42 -31.22
N GLU A 865 14.81 24.21 -31.76
CA GLU A 865 15.70 23.13 -31.34
C GLU A 865 17.06 23.71 -30.94
N LYS A 866 17.88 22.86 -30.31
CA LYS A 866 19.27 23.17 -30.04
C LYS A 866 20.02 21.85 -29.83
N GLU A 867 21.04 21.61 -30.66
CA GLU A 867 21.93 20.48 -30.51
C GLU A 867 22.94 20.84 -29.43
N VAL A 868 23.18 19.88 -28.53
CA VAL A 868 24.15 20.05 -27.45
C VAL A 868 25.04 18.82 -27.46
N LYS A 869 26.19 18.90 -26.77
CA LYS A 869 27.18 17.84 -26.85
C LYS A 869 27.05 16.93 -25.63
N GLY A 870 25.85 16.39 -25.39
CA GLY A 870 25.67 15.47 -24.28
C GLY A 870 24.20 15.19 -23.99
N ALA A 871 23.98 14.35 -22.96
CA ALA A 871 22.64 14.01 -22.50
C ALA A 871 22.07 15.16 -21.68
N VAL A 872 20.84 15.58 -21.98
CA VAL A 872 20.16 16.58 -21.18
C VAL A 872 19.37 15.88 -20.07
N TYR A 873 20.03 15.63 -18.94
CA TYR A 873 19.48 14.82 -17.86
C TYR A 873 18.33 15.49 -17.12
N SER A 874 18.40 16.81 -16.94
CA SER A 874 17.47 17.51 -16.05
C SER A 874 17.29 18.95 -16.53
N MET A 875 16.04 19.45 -16.47
CA MET A 875 15.77 20.84 -16.79
C MET A 875 14.80 21.46 -15.78
N VAL A 876 14.93 22.77 -15.56
CA VAL A 876 14.06 23.50 -14.65
C VAL A 876 13.90 24.94 -15.13
N GLU A 877 12.67 25.48 -15.03
CA GLU A 877 12.42 26.89 -15.26
C GLU A 877 13.05 27.68 -14.11
N PHE A 878 13.80 28.74 -14.46
CA PHE A 878 14.58 29.50 -13.49
C PHE A 878 14.46 30.99 -13.85
N ASN A 879 13.54 31.68 -13.16
CA ASN A 879 13.42 33.12 -13.26
C ASN A 879 13.22 33.56 -14.72
N GLY A 880 12.31 32.89 -15.44
CA GLY A 880 12.08 33.21 -16.85
C GLY A 880 13.11 32.60 -17.80
N LYS A 881 14.07 31.82 -17.29
CA LYS A 881 15.14 31.23 -18.07
C LYS A 881 15.04 29.71 -18.01
N LEU A 882 15.87 29.01 -18.79
CA LEU A 882 15.89 27.55 -18.79
C LEU A 882 17.23 27.06 -18.27
N LEU A 883 17.19 26.39 -17.10
CA LEU A 883 18.35 25.72 -16.53
C LEU A 883 18.34 24.26 -16.97
N ALA A 884 19.50 23.78 -17.46
CA ALA A 884 19.63 22.40 -17.92
C ALA A 884 20.97 21.83 -17.48
N SER A 885 20.97 20.54 -17.16
CA SER A 885 22.20 19.83 -16.90
C SER A 885 22.53 18.96 -18.10
N ILE A 886 23.77 19.09 -18.59
CA ILE A 886 24.25 18.39 -19.78
C ILE A 886 25.58 17.75 -19.45
N ASN A 887 25.57 16.41 -19.40
CA ASN A 887 26.71 15.63 -18.95
C ASN A 887 27.22 16.28 -17.66
N SER A 888 28.45 16.82 -17.70
CA SER A 888 29.08 17.30 -16.49
C SER A 888 28.93 18.81 -16.36
N THR A 889 27.94 19.39 -17.05
N THR A 889 28.03 19.43 -17.14
CA THR A 889 27.82 20.84 -17.14
CA THR A 889 27.83 20.86 -17.12
C THR A 889 26.40 21.28 -16.76
C THR A 889 26.45 21.18 -16.56
N VAL A 890 26.30 22.40 -16.05
CA VAL A 890 25.01 22.99 -15.72
C VAL A 890 24.94 24.33 -16.45
N ARG A 891 23.87 24.52 -17.24
CA ARG A 891 23.81 25.62 -18.19
C ARG A 891 22.49 26.36 -18.03
N LEU A 892 22.58 27.70 -18.08
CA LEU A 892 21.42 28.56 -18.05
C LEU A 892 21.25 29.18 -19.44
N TYR A 893 20.06 29.01 -20.02
CA TYR A 893 19.72 29.58 -21.31
C TYR A 893 18.71 30.72 -21.14
N GLU A 894 18.88 31.74 -21.99
CA GLU A 894 17.88 32.79 -22.18
C GLU A 894 17.06 32.48 -23.43
N TRP A 895 15.78 32.87 -23.39
CA TRP A 895 14.89 32.75 -24.53
C TRP A 895 14.82 34.11 -25.23
N THR A 896 15.43 34.19 -26.44
CA THR A 896 15.61 35.45 -27.14
C THR A 896 14.31 35.85 -27.85
N THR A 897 14.27 37.10 -28.30
CA THR A 897 13.10 37.65 -28.96
C THR A 897 12.80 36.89 -30.26
N GLU A 898 13.83 36.26 -30.85
CA GLU A 898 13.65 35.46 -32.06
C GLU A 898 13.39 33.98 -31.73
N LYS A 899 13.00 33.67 -30.49
CA LYS A 899 12.56 32.33 -30.08
C LYS A 899 13.65 31.29 -30.32
N GLU A 900 14.84 31.55 -29.79
CA GLU A 900 15.89 30.57 -29.68
C GLU A 900 16.43 30.61 -28.26
N LEU A 901 17.11 29.51 -27.86
CA LEU A 901 17.81 29.43 -26.59
C LEU A 901 19.27 29.90 -26.77
N ARG A 902 19.69 30.82 -25.90
CA ARG A 902 21.04 31.38 -25.92
C ARG A 902 21.69 31.19 -24.55
N THR A 903 22.86 30.54 -24.51
CA THR A 903 23.61 30.32 -23.29
C THR A 903 24.00 31.65 -22.63
N GLU A 904 23.77 31.75 -21.32
CA GLU A 904 24.20 32.90 -20.54
C GLU A 904 25.43 32.53 -19.73
N CYS A 905 25.39 31.38 -19.04
CA CYS A 905 26.51 30.96 -18.19
C CYS A 905 26.49 29.44 -18.01
N ASN A 906 27.64 28.92 -17.56
CA ASN A 906 27.90 27.49 -17.45
C ASN A 906 28.64 27.22 -16.14
N HIS A 907 28.39 26.04 -15.57
CA HIS A 907 29.15 25.53 -14.43
C HIS A 907 29.69 24.17 -14.84
N TYR A 908 30.96 23.89 -14.50
CA TYR A 908 31.67 22.76 -15.08
C TYR A 908 32.05 21.70 -14.04
N ASN A 909 31.96 22.02 -12.74
CA ASN A 909 32.60 21.20 -11.72
C ASN A 909 31.64 20.10 -11.23
N ASN A 910 31.37 19.15 -12.12
CA ASN A 910 30.52 17.99 -11.82
C ASN A 910 31.16 16.78 -12.48
N ILE A 911 30.75 15.58 -12.08
CA ILE A 911 31.05 14.37 -12.81
C ILE A 911 29.93 14.11 -13.80
N MET A 912 28.69 14.10 -13.30
CA MET A 912 27.51 13.89 -14.11
C MET A 912 26.32 14.49 -13.36
N ALA A 913 25.86 15.65 -13.84
CA ALA A 913 24.80 16.41 -13.18
C ALA A 913 23.46 15.84 -13.59
N LEU A 914 22.94 14.94 -12.75
CA LEU A 914 21.73 14.18 -13.03
C LEU A 914 20.47 14.91 -12.56
N TYR A 915 20.56 15.72 -11.50
CA TYR A 915 19.36 16.22 -10.84
C TYR A 915 19.52 17.71 -10.53
N LEU A 916 18.48 18.50 -10.84
CA LEU A 916 18.39 19.90 -10.52
C LEU A 916 17.07 20.19 -9.79
N LYS A 917 17.16 21.08 -8.79
CA LYS A 917 16.03 21.79 -8.23
C LYS A 917 16.47 23.22 -7.94
N THR A 918 15.54 24.17 -7.92
CA THR A 918 15.91 25.56 -7.67
C THR A 918 14.93 26.18 -6.68
N LYS A 919 15.39 27.29 -6.06
CA LYS A 919 14.56 28.14 -5.25
C LYS A 919 15.16 29.55 -5.25
N GLY A 920 14.40 30.55 -5.68
CA GLY A 920 14.96 31.88 -5.85
C GLY A 920 16.15 31.82 -6.81
N ASP A 921 17.30 32.32 -6.36
CA ASP A 921 18.51 32.33 -7.18
C ASP A 921 19.39 31.13 -6.86
N PHE A 922 18.92 30.18 -6.05
CA PHE A 922 19.75 29.06 -5.63
C PHE A 922 19.40 27.83 -6.47
N ILE A 923 20.41 26.99 -6.73
CA ILE A 923 20.25 25.78 -7.52
C ILE A 923 20.91 24.64 -6.77
N LEU A 924 20.15 23.55 -6.55
CA LEU A 924 20.71 22.33 -5.98
C LEU A 924 20.98 21.33 -7.10
N VAL A 925 22.22 20.84 -7.15
CA VAL A 925 22.67 19.92 -8.17
C VAL A 925 22.95 18.57 -7.53
N GLY A 926 22.31 17.53 -8.07
CA GLY A 926 22.60 16.18 -7.63
C GLY A 926 23.52 15.49 -8.61
N ASP A 927 24.67 15.00 -8.11
CA ASP A 927 25.66 14.37 -8.94
C ASP A 927 25.51 12.84 -8.91
N LEU A 928 25.98 12.18 -9.99
CA LEU A 928 25.99 10.73 -10.08
C LEU A 928 26.72 10.11 -8.90
N MET A 929 27.86 10.67 -8.48
CA MET A 929 28.64 10.04 -7.43
C MET A 929 29.21 10.99 -6.37
N ARG A 930 29.21 12.31 -6.61
N ARG A 930 29.13 12.30 -6.62
CA ARG A 930 29.76 13.23 -5.62
CA ARG A 930 29.73 13.29 -5.72
C ARG A 930 28.64 14.06 -4.99
C ARG A 930 28.64 14.07 -4.97
N SER A 931 27.56 13.38 -4.58
CA SER A 931 26.54 13.97 -3.72
C SER A 931 25.90 15.23 -4.32
N VAL A 932 25.72 16.26 -3.50
CA VAL A 932 25.00 17.46 -3.90
C VAL A 932 25.91 18.69 -3.83
N LEU A 933 25.46 19.74 -4.52
CA LEU A 933 26.21 20.97 -4.69
C LEU A 933 25.22 22.14 -4.76
N LEU A 934 25.58 23.28 -4.16
CA LEU A 934 24.72 24.44 -4.15
C LEU A 934 25.33 25.57 -4.98
N LEU A 935 24.65 25.95 -6.07
CA LEU A 935 25.00 27.11 -6.88
C LEU A 935 24.07 28.27 -6.52
N ALA A 936 24.58 29.49 -6.76
CA ALA A 936 23.76 30.68 -6.84
C ALA A 936 24.01 31.32 -8.20
N TYR A 937 22.93 31.79 -8.84
CA TYR A 937 23.06 32.70 -9.95
C TYR A 937 23.36 34.07 -9.34
N LYS A 938 24.27 34.81 -9.98
CA LYS A 938 24.68 36.12 -9.48
C LYS A 938 24.13 37.17 -10.43
N PRO A 939 22.92 37.72 -10.20
CA PRO A 939 22.23 38.50 -11.23
C PRO A 939 22.93 39.79 -11.68
N MET A 940 23.87 40.30 -10.87
CA MET A 940 24.65 41.46 -11.26
C MET A 940 26.02 41.05 -11.81
N GLU A 941 26.21 39.77 -12.16
CA GLU A 941 27.42 39.34 -12.86
C GLU A 941 27.11 38.40 -14.02
N GLY A 942 25.85 37.95 -14.14
CA GLY A 942 25.43 37.12 -15.27
C GLY A 942 26.10 35.74 -15.27
N ASN A 943 26.43 35.23 -14.08
CA ASN A 943 27.15 33.97 -13.97
C ASN A 943 26.74 33.22 -12.70
N PHE A 944 27.27 32.00 -12.56
CA PHE A 944 27.08 31.18 -11.37
C PHE A 944 28.25 31.39 -10.43
N GLU A 945 27.98 31.31 -9.13
CA GLU A 945 29.00 31.07 -8.11
C GLU A 945 28.71 29.75 -7.42
N GLU A 946 29.73 28.93 -7.21
CA GLU A 946 29.63 27.77 -6.34
C GLU A 946 29.66 28.21 -4.89
N ILE A 947 28.56 28.01 -4.16
CA ILE A 947 28.46 28.38 -2.75
C ILE A 947 29.11 27.29 -1.91
N ALA A 948 28.61 26.06 -2.04
CA ALA A 948 29.06 24.97 -1.19
C ALA A 948 28.80 23.63 -1.87
N ARG A 949 29.51 22.60 -1.39
CA ARG A 949 29.45 21.26 -1.93
C ARG A 949 29.53 20.30 -0.73
N ASP A 950 28.85 19.15 -0.85
CA ASP A 950 28.98 18.09 0.13
C ASP A 950 30.15 17.22 -0.32
N PHE A 951 31.27 17.26 0.39
CA PHE A 951 32.48 16.56 -0.02
C PHE A 951 32.40 15.05 0.25
N ASN A 952 31.38 14.57 1.00
CA ASN A 952 31.17 13.14 1.15
C ASN A 952 30.63 12.56 -0.15
N PRO A 953 31.26 11.51 -0.72
CA PRO A 953 30.71 10.82 -1.88
C PRO A 953 29.34 10.20 -1.58
N ASN A 954 28.37 10.42 -2.48
CA ASN A 954 27.10 9.71 -2.45
C ASN A 954 26.58 9.54 -3.87
N TRP A 955 26.07 8.34 -4.16
CA TRP A 955 25.46 8.00 -5.43
C TRP A 955 23.97 8.38 -5.40
N MET A 956 23.65 9.53 -6.00
CA MET A 956 22.35 10.16 -5.81
C MET A 956 21.29 9.55 -6.72
N SER A 957 20.05 9.55 -6.21
CA SER A 957 18.89 9.14 -6.97
C SER A 957 17.89 10.29 -7.12
N ALA A 958 17.91 11.27 -6.19
CA ALA A 958 16.99 12.39 -6.26
C ALA A 958 17.36 13.44 -5.21
N VAL A 959 16.94 14.68 -5.45
CA VAL A 959 17.27 15.77 -4.56
C VAL A 959 16.05 16.67 -4.40
N GLU A 960 16.03 17.46 -3.33
CA GLU A 960 14.97 18.43 -3.12
C GLU A 960 15.45 19.53 -2.19
N ILE A 961 14.98 20.76 -2.44
CA ILE A 961 15.25 21.88 -1.56
C ILE A 961 14.10 21.97 -0.57
N LEU A 962 14.40 21.80 0.71
CA LEU A 962 13.40 21.86 1.76
C LEU A 962 13.12 23.33 2.10
N ASP A 963 14.18 24.13 2.15
CA ASP A 963 14.08 25.58 2.32
C ASP A 963 15.46 26.18 2.02
N ASP A 964 15.60 27.50 2.18
CA ASP A 964 16.81 28.21 1.77
C ASP A 964 18.08 27.55 2.34
N ASP A 965 17.97 26.88 3.51
CA ASP A 965 19.15 26.42 4.23
C ASP A 965 19.24 24.89 4.32
N ASN A 966 18.25 24.14 3.83
CA ASN A 966 18.21 22.69 4.04
C ASN A 966 18.01 21.97 2.71
N PHE A 967 18.90 21.02 2.42
CA PHE A 967 18.92 20.32 1.16
C PHE A 967 18.78 18.82 1.43
N LEU A 968 17.78 18.22 0.78
CA LEU A 968 17.45 16.82 0.98
C LEU A 968 17.95 16.01 -0.20
N GLY A 969 18.61 14.88 0.11
CA GLY A 969 19.07 13.94 -0.90
C GLY A 969 18.63 12.52 -0.59
N ALA A 970 18.38 11.74 -1.65
CA ALA A 970 18.20 10.31 -1.56
C ALA A 970 19.29 9.63 -2.37
N GLU A 971 19.79 8.47 -1.91
CA GLU A 971 20.91 7.84 -2.59
C GLU A 971 20.62 6.35 -2.82
N ASN A 972 21.51 5.72 -3.58
CA ASN A 972 21.25 4.43 -4.20
C ASN A 972 21.15 3.28 -3.19
N ALA A 973 21.64 3.47 -1.96
CA ALA A 973 21.62 2.43 -0.93
C ALA A 973 20.46 2.64 0.06
N PHE A 974 19.48 3.43 -0.37
CA PHE A 974 18.17 3.56 0.25
C PHE A 974 18.25 4.42 1.52
N ASN A 975 19.17 5.40 1.52
CA ASN A 975 19.29 6.35 2.61
C ASN A 975 18.82 7.74 2.18
N LEU A 976 18.26 8.50 3.13
CA LEU A 976 18.11 9.94 2.97
C LEU A 976 19.21 10.63 3.77
N PHE A 977 19.56 11.86 3.35
CA PHE A 977 20.36 12.72 4.19
C PHE A 977 19.96 14.18 3.94
N VAL A 978 20.30 15.04 4.90
CA VAL A 978 20.05 16.46 4.81
C VAL A 978 21.36 17.22 5.01
N CYS A 979 21.65 18.13 4.07
CA CYS A 979 22.82 19.00 4.10
C CYS A 979 22.42 20.43 4.45
N GLN A 980 23.29 21.10 5.22
CA GLN A 980 23.19 22.53 5.50
C GLN A 980 24.54 23.19 5.24
N LYS A 981 24.52 24.52 5.00
CA LYS A 981 25.72 25.34 5.14
C LYS A 981 26.22 25.24 6.58
N ASP A 982 27.53 25.41 6.78
CA ASP A 982 28.10 25.46 8.13
C ASP A 982 28.06 26.90 8.64
N SER A 983 26.98 27.27 9.36
CA SER A 983 26.70 28.65 9.73
C SER A 983 27.89 29.27 10.49
N THR A 987 36.50 30.87 8.39
CA THR A 987 37.16 30.48 7.12
C THR A 987 36.24 30.76 5.94
N ASP A 988 36.77 30.61 4.72
CA ASP A 988 35.98 30.63 3.50
C ASP A 988 36.07 29.26 2.81
N GLU A 989 37.25 28.63 2.86
CA GLU A 989 37.39 27.23 2.48
C GLU A 989 36.44 26.40 3.32
N GLU A 990 36.18 26.83 4.56
CA GLU A 990 35.22 26.20 5.45
C GLU A 990 33.79 26.43 4.94
N ARG A 991 33.51 27.65 4.46
CA ARG A 991 32.16 28.08 4.11
C ARG A 991 31.57 27.21 2.99
N GLN A 992 32.42 26.68 2.12
CA GLN A 992 31.95 25.94 0.96
C GLN A 992 31.91 24.44 1.23
N HIS A 993 31.85 24.04 2.51
CA HIS A 993 31.63 22.67 2.92
C HIS A 993 30.23 22.54 3.51
N LEU A 994 29.32 21.89 2.76
CA LEU A 994 28.00 21.54 3.27
C LEU A 994 28.19 20.45 4.32
N GLN A 995 27.39 20.52 5.39
CA GLN A 995 27.43 19.55 6.46
C GLN A 995 26.22 18.64 6.36
N GLU A 996 26.46 17.32 6.43
CA GLU A 996 25.39 16.35 6.55
C GLU A 996 24.92 16.35 8.01
N VAL A 997 23.81 17.05 8.27
CA VAL A 997 23.25 17.19 9.61
C VAL A 997 22.08 16.24 9.84
N GLY A 998 21.55 15.61 8.78
CA GLY A 998 20.53 14.57 8.92
C GLY A 998 20.91 13.32 8.12
N LEU A 999 20.68 12.14 8.73
CA LEU A 999 20.96 10.86 8.08
C LEU A 999 19.88 9.87 8.52
N PHE A 1000 19.36 9.06 7.59
CA PHE A 1000 18.27 8.13 7.89
C PHE A 1000 18.22 7.03 6.83
N HIS A 1001 18.22 5.77 7.29
CA HIS A 1001 17.97 4.65 6.38
C HIS A 1001 16.46 4.50 6.16
N LEU A 1002 16.01 4.86 4.95
CA LEU A 1002 14.62 4.81 4.56
C LEU A 1002 14.20 3.38 4.21
N GLY A 1003 15.04 2.65 3.46
CA GLY A 1003 14.73 1.29 3.03
C GLY A 1003 13.96 1.24 1.71
N GLU A 1004 13.87 2.38 1.01
CA GLU A 1004 13.21 2.46 -0.29
C GLU A 1004 14.12 3.24 -1.23
N PHE A 1005 13.88 3.09 -2.54
CA PHE A 1005 14.66 3.78 -3.56
C PHE A 1005 13.82 4.92 -4.10
N VAL A 1006 14.24 6.17 -3.81
CA VAL A 1006 13.47 7.34 -4.17
C VAL A 1006 13.82 7.77 -5.60
N ASN A 1007 12.79 7.81 -6.47
CA ASN A 1007 12.95 8.29 -7.85
C ASN A 1007 12.60 9.78 -7.97
N VAL A 1008 11.73 10.30 -7.11
CA VAL A 1008 11.23 11.66 -7.31
C VAL A 1008 10.76 12.25 -5.98
N PHE A 1009 11.15 13.52 -5.76
CA PHE A 1009 10.62 14.37 -4.71
C PHE A 1009 9.79 15.48 -5.34
N CYS A 1010 8.65 15.83 -4.74
CA CYS A 1010 7.92 17.02 -5.19
C CYS A 1010 7.08 17.62 -4.07
N HIS A 1011 7.14 18.96 -3.98
CA HIS A 1011 6.43 19.74 -2.98
C HIS A 1011 4.95 19.56 -3.21
N GLY A 1012 4.20 19.39 -2.11
CA GLY A 1012 2.76 19.31 -2.17
C GLY A 1012 2.19 18.31 -1.17
N SER A 1013 0.87 18.16 -1.22
CA SER A 1013 0.11 17.44 -0.21
C SER A 1013 -1.18 16.88 -0.84
N LEU A 1014 -1.64 15.75 -0.28
CA LEU A 1014 -2.92 15.17 -0.65
C LEU A 1014 -4.04 15.61 0.30
N VAL A 1015 -3.68 16.39 1.33
CA VAL A 1015 -4.64 16.83 2.34
C VAL A 1015 -5.06 18.27 2.04
N MET A 1016 -6.34 18.57 2.34
CA MET A 1016 -6.95 19.85 2.02
C MET A 1016 -6.26 20.97 2.81
N GLN A 1017 -6.00 22.09 2.14
CA GLN A 1017 -5.18 23.17 2.66
C GLN A 1017 -6.08 24.25 3.27
N THR A 1024 0.91 24.05 13.56
CA THR A 1024 0.98 22.57 13.63
C THR A 1024 2.37 22.16 14.07
N PRO A 1025 2.61 20.87 14.42
CA PRO A 1025 3.96 20.41 14.73
C PRO A 1025 4.96 20.46 13.56
N THR A 1026 4.45 20.53 12.31
CA THR A 1026 5.26 20.34 11.12
C THR A 1026 5.07 21.50 10.14
N GLN A 1027 6.13 21.80 9.38
CA GLN A 1027 6.10 22.84 8.36
C GLN A 1027 6.68 22.29 7.05
N GLY A 1028 5.99 22.60 5.95
CA GLY A 1028 6.37 22.13 4.62
C GLY A 1028 5.79 20.75 4.35
N SER A 1029 5.82 20.36 3.07
CA SER A 1029 5.30 19.06 2.67
C SER A 1029 5.95 18.64 1.36
N VAL A 1030 6.76 17.57 1.46
CA VAL A 1030 7.43 16.99 0.32
C VAL A 1030 7.05 15.52 0.24
N LEU A 1031 6.41 15.15 -0.87
CA LEU A 1031 6.05 13.77 -1.19
C LEU A 1031 7.19 13.14 -1.98
N PHE A 1032 7.33 11.81 -1.88
CA PHE A 1032 8.31 11.10 -2.69
C PHE A 1032 7.72 9.78 -3.16
N GLY A 1033 8.14 9.36 -4.37
CA GLY A 1033 7.72 8.11 -4.98
C GLY A 1033 8.94 7.22 -5.22
N THR A 1034 8.71 5.90 -5.14
CA THR A 1034 9.77 4.91 -5.01
C THR A 1034 9.56 3.76 -5.97
N VAL A 1035 10.60 2.94 -6.11
CA VAL A 1035 10.61 1.80 -7.00
C VAL A 1035 9.55 0.79 -6.56
N ASN A 1036 9.35 0.62 -5.24
CA ASN A 1036 8.40 -0.39 -4.78
C ASN A 1036 6.97 0.13 -4.76
N GLY A 1037 6.79 1.40 -5.14
CA GLY A 1037 5.49 2.03 -5.23
C GLY A 1037 5.03 2.62 -3.89
N MET A 1038 5.94 2.63 -2.90
CA MET A 1038 5.69 3.33 -1.64
C MET A 1038 5.68 4.83 -1.92
N ILE A 1039 4.74 5.57 -1.30
CA ILE A 1039 4.76 7.03 -1.30
C ILE A 1039 4.97 7.51 0.13
N GLY A 1040 5.95 8.42 0.31
CA GLY A 1040 6.28 8.94 1.62
C GLY A 1040 6.12 10.46 1.68
N LEU A 1041 6.22 11.01 2.90
CA LEU A 1041 6.21 12.45 3.08
C LEU A 1041 7.35 12.82 4.00
N VAL A 1042 7.98 13.97 3.70
CA VAL A 1042 8.98 14.59 4.55
C VAL A 1042 8.50 16.01 4.89
N THR A 1043 8.58 16.35 6.19
CA THR A 1043 8.25 17.68 6.68
C THR A 1043 9.23 18.06 7.80
N SER A 1044 9.22 19.33 8.18
CA SER A 1044 10.17 19.88 9.14
C SER A 1044 9.56 20.00 10.54
N LEU A 1045 10.43 19.96 11.56
CA LEU A 1045 10.05 20.05 12.97
C LEU A 1045 10.88 21.13 13.65
N SER A 1046 10.37 21.71 14.74
CA SER A 1046 11.20 22.53 15.62
C SER A 1046 12.06 21.62 16.50
N GLU A 1047 13.15 22.20 17.01
CA GLU A 1047 14.02 21.51 17.95
C GLU A 1047 13.18 20.88 19.07
N SER A 1048 12.23 21.67 19.57
CA SER A 1048 11.41 21.25 20.69
C SER A 1048 10.63 19.97 20.35
N TRP A 1049 9.98 19.98 19.19
CA TRP A 1049 9.17 18.84 18.77
C TRP A 1049 10.05 17.63 18.51
N TYR A 1050 11.21 17.87 17.89
CA TYR A 1050 12.15 16.80 17.60
C TYR A 1050 12.52 16.09 18.90
N ASN A 1051 12.90 16.86 19.92
CA ASN A 1051 13.36 16.33 21.20
C ASN A 1051 12.29 15.47 21.85
N LEU A 1052 11.04 15.91 21.78
CA LEU A 1052 9.94 15.18 22.38
C LEU A 1052 9.75 13.86 21.64
N LEU A 1053 9.74 13.91 20.30
CA LEU A 1053 9.47 12.75 19.48
C LEU A 1053 10.65 11.77 19.52
N LEU A 1054 11.87 12.29 19.56
CA LEU A 1054 13.04 11.44 19.70
C LEU A 1054 12.91 10.67 21.02
N ASP A 1055 12.52 11.37 22.08
CA ASP A 1055 12.40 10.76 23.39
C ASP A 1055 11.32 9.68 23.35
N MET A 1056 10.22 9.96 22.64
CA MET A 1056 9.14 9.00 22.49
C MET A 1056 9.62 7.74 21.76
N GLN A 1057 10.42 7.94 20.70
CA GLN A 1057 10.94 6.81 19.92
C GLN A 1057 11.69 5.87 20.86
N ASN A 1058 12.59 6.44 21.67
CA ASN A 1058 13.46 5.66 22.54
C ASN A 1058 12.63 4.85 23.52
N ARG A 1059 11.52 5.43 24.00
CA ARG A 1059 10.63 4.75 24.94
C ARG A 1059 9.79 3.70 24.21
N LEU A 1060 9.31 4.03 23.01
CA LEU A 1060 8.58 3.08 22.20
C LEU A 1060 9.45 1.87 21.91
N ASN A 1061 10.73 2.10 21.59
CA ASN A 1061 11.61 1.01 21.19
C ASN A 1061 11.83 0.03 22.33
N LYS A 1062 11.72 0.52 23.58
CA LYS A 1062 11.92 -0.33 24.75
C LYS A 1062 10.71 -1.23 25.00
N VAL A 1063 9.51 -0.82 24.57
CA VAL A 1063 8.31 -1.55 24.93
C VAL A 1063 7.81 -2.44 23.79
N ILE A 1064 7.99 -2.03 22.54
CA ILE A 1064 7.49 -2.80 21.40
C ILE A 1064 8.38 -4.02 21.14
N LYS A 1065 7.77 -5.21 21.00
CA LYS A 1065 8.49 -6.40 20.56
C LYS A 1065 8.59 -6.36 19.03
N SER A 1066 9.83 -6.39 18.50
CA SER A 1066 10.06 -6.33 17.06
C SER A 1066 10.19 -7.73 16.48
N VAL A 1067 9.66 -7.93 15.28
CA VAL A 1067 9.75 -9.21 14.59
C VAL A 1067 11.20 -9.46 14.22
N GLY A 1068 11.73 -10.61 14.66
CA GLY A 1068 13.12 -10.97 14.42
C GLY A 1068 14.07 -10.31 15.42
N LYS A 1069 13.50 -9.55 16.36
CA LYS A 1069 14.24 -8.88 17.42
C LYS A 1069 15.27 -7.94 16.85
N ILE A 1070 14.93 -7.26 15.75
CA ILE A 1070 15.79 -6.25 15.16
C ILE A 1070 15.59 -4.94 15.94
N GLU A 1071 16.69 -4.28 16.29
CA GLU A 1071 16.63 -2.99 16.98
C GLU A 1071 16.26 -1.93 15.95
N HIS A 1072 15.30 -1.07 16.33
CA HIS A 1072 14.87 0.03 15.47
C HIS A 1072 16.06 0.91 15.08
N SER A 1073 16.95 1.21 16.04
N SER A 1073 16.92 1.20 16.07
CA SER A 1073 18.09 2.08 15.79
CA SER A 1073 18.11 2.02 15.88
C SER A 1073 19.05 1.46 14.77
C SER A 1073 19.02 1.46 14.78
N PHE A 1074 19.13 0.12 14.74
CA PHE A 1074 19.94 -0.57 13.75
C PHE A 1074 19.32 -0.39 12.36
N TRP A 1075 18.03 -0.70 12.24
CA TRP A 1075 17.27 -0.51 11.01
C TRP A 1075 17.46 0.88 10.40
N ARG A 1076 17.34 1.92 11.23
CA ARG A 1076 17.32 3.28 10.70
C ARG A 1076 18.72 3.89 10.57
N SER A 1077 19.76 3.18 11.01
CA SER A 1077 21.13 3.65 10.82
C SER A 1077 21.45 3.81 9.32
N PHE A 1078 22.01 4.98 8.98
CA PHE A 1078 22.51 5.26 7.63
C PHE A 1078 23.55 4.22 7.28
N HIS A 1079 23.43 3.60 6.09
CA HIS A 1079 24.27 2.46 5.75
C HIS A 1079 24.52 2.42 4.24
N THR A 1080 25.79 2.63 3.87
CA THR A 1080 26.33 2.34 2.56
C THR A 1080 27.56 1.45 2.75
N GLU A 1081 28.21 1.11 1.64
CA GLU A 1081 29.40 0.28 1.66
C GLU A 1081 30.53 1.05 2.35
N ARG A 1082 30.53 2.38 2.21
CA ARG A 1082 31.51 3.25 2.84
C ARG A 1082 31.31 3.41 4.35
N LYS A 1083 30.07 3.67 4.80
CA LYS A 1083 29.88 4.12 6.18
C LYS A 1083 28.55 3.66 6.76
N THR A 1084 28.58 3.37 8.09
CA THR A 1084 27.43 3.08 8.90
C THR A 1084 27.45 4.00 10.12
N GLU A 1085 26.35 4.74 10.32
CA GLU A 1085 26.21 5.71 11.39
C GLU A 1085 24.77 5.73 11.91
N PRO A 1086 24.54 5.93 13.22
CA PRO A 1086 23.17 6.13 13.72
C PRO A 1086 22.44 7.22 12.96
N ALA A 1087 21.12 7.06 12.80
CA ALA A 1087 20.30 8.11 12.22
C ALA A 1087 20.42 9.36 13.08
N THR A 1088 20.28 10.53 12.49
CA THR A 1088 20.18 11.74 13.27
C THR A 1088 19.36 12.76 12.48
N GLY A 1089 18.71 13.67 13.21
CA GLY A 1089 17.88 14.72 12.63
C GLY A 1089 16.62 14.19 11.92
N PHE A 1090 16.24 12.93 12.14
CA PHE A 1090 15.09 12.34 11.47
C PHE A 1090 14.24 11.56 12.45
N ILE A 1091 12.95 11.93 12.52
CA ILE A 1091 11.95 11.16 13.27
C ILE A 1091 11.25 10.20 12.31
N ASP A 1092 11.14 8.94 12.75
CA ASP A 1092 10.41 7.92 12.02
C ASP A 1092 8.93 8.02 12.38
N GLY A 1093 8.16 8.66 11.50
CA GLY A 1093 6.73 8.85 11.70
C GLY A 1093 5.95 7.53 11.80
N ASP A 1094 6.32 6.51 11.02
CA ASP A 1094 5.66 5.22 11.14
C ASP A 1094 5.79 4.70 12.59
N LEU A 1095 6.97 4.86 13.20
CA LEU A 1095 7.15 4.44 14.59
C LEU A 1095 6.27 5.30 15.52
N ILE A 1096 6.35 6.64 15.40
CA ILE A 1096 5.55 7.51 16.26
C ILE A 1096 4.07 7.14 16.13
N GLU A 1097 3.56 7.03 14.89
CA GLU A 1097 2.15 6.72 14.65
C GLU A 1097 1.74 5.41 15.31
N SER A 1098 2.66 4.44 15.45
CA SER A 1098 2.33 3.15 16.06
C SER A 1098 2.02 3.30 17.56
N PHE A 1099 2.31 4.47 18.15
CA PHE A 1099 1.99 4.73 19.54
C PHE A 1099 0.50 4.47 19.81
N LEU A 1100 -0.36 4.83 18.86
CA LEU A 1100 -1.81 4.73 19.04
C LEU A 1100 -2.29 3.27 19.10
N ASP A 1101 -1.41 2.29 18.82
CA ASP A 1101 -1.83 0.90 18.70
C ASP A 1101 -1.31 0.04 19.85
N ILE A 1102 -0.51 0.61 20.75
CA ILE A 1102 -0.06 -0.13 21.91
C ILE A 1102 -1.15 -0.10 22.98
N SER A 1103 -0.96 -0.94 23.99
CA SER A 1103 -1.88 -1.07 25.11
C SER A 1103 -1.71 0.12 26.04
N ARG A 1104 -2.80 0.46 26.75
CA ARG A 1104 -2.86 1.62 27.62
C ARG A 1104 -1.74 1.57 28.67
N PRO A 1105 -1.45 0.41 29.32
CA PRO A 1105 -0.33 0.35 30.26
C PRO A 1105 1.03 0.66 29.60
N LYS A 1106 1.22 0.16 28.38
CA LYS A 1106 2.44 0.46 27.64
C LYS A 1106 2.53 1.97 27.39
N MET A 1107 1.39 2.61 27.13
CA MET A 1107 1.37 4.06 26.94
C MET A 1107 1.80 4.78 28.21
N GLN A 1108 1.59 4.16 29.37
CA GLN A 1108 1.97 4.75 30.65
C GLN A 1108 3.48 4.69 30.78
N GLU A 1109 4.06 3.52 30.46
CA GLU A 1109 5.50 3.36 30.45
C GLU A 1109 6.10 4.43 29.55
N VAL A 1110 5.57 4.52 28.31
CA VAL A 1110 6.06 5.48 27.34
C VAL A 1110 5.98 6.90 27.92
N VAL A 1111 4.89 7.20 28.66
CA VAL A 1111 4.61 8.57 29.09
C VAL A 1111 5.49 8.96 30.28
N ALA A 1112 5.63 8.06 31.27
CA ALA A 1112 6.31 8.36 32.51
C ALA A 1112 7.43 9.39 32.32
N ASN A 1113 7.22 10.61 32.85
CA ASN A 1113 8.25 11.62 33.00
C ASN A 1113 8.74 12.12 31.64
N LEU A 1114 8.13 13.20 31.16
CA LEU A 1114 8.52 13.83 29.91
C LEU A 1114 7.80 15.19 29.80
N GLN A 1115 8.54 16.23 29.36
CA GLN A 1115 8.03 17.60 29.38
C GLN A 1115 7.21 17.89 28.12
N TYR A 1116 6.19 18.76 28.26
CA TYR A 1116 5.25 19.06 27.19
C TYR A 1116 4.65 20.46 27.39
N ASP A 1117 4.70 21.29 26.34
CA ASP A 1117 4.02 22.57 26.30
C ASP A 1117 2.89 22.51 25.27
N MET A 1122 3.53 26.04 30.27
CA MET A 1122 4.89 26.09 29.67
C MET A 1122 5.54 24.70 29.68
N LYS A 1123 5.50 24.02 30.83
CA LYS A 1123 6.12 22.70 30.97
C LYS A 1123 5.40 21.88 32.03
N ARG A 1124 5.41 20.55 31.87
CA ARG A 1124 4.84 19.63 32.84
C ARG A 1124 5.05 18.18 32.41
N GLU A 1125 4.81 17.24 33.33
CA GLU A 1125 4.76 15.83 33.04
C GLU A 1125 3.58 15.56 32.11
N ALA A 1126 3.84 14.92 30.97
CA ALA A 1126 2.83 14.67 29.95
C ALA A 1126 2.08 13.38 30.25
N THR A 1127 0.83 13.32 29.77
CA THR A 1127 -0.09 12.21 30.00
C THR A 1127 -0.26 11.42 28.71
N ALA A 1128 -0.80 10.20 28.83
CA ALA A 1128 -1.11 9.36 27.68
C ALA A 1128 -2.06 10.11 26.75
N ASP A 1129 -3.03 10.80 27.36
CA ASP A 1129 -4.04 11.57 26.65
C ASP A 1129 -3.35 12.66 25.81
N ASP A 1130 -2.35 13.34 26.38
CA ASP A 1130 -1.68 14.42 25.68
C ASP A 1130 -1.03 13.88 24.41
N LEU A 1131 -0.42 12.68 24.49
CA LEU A 1131 0.32 12.08 23.39
C LEU A 1131 -0.62 11.58 22.30
N ILE A 1132 -1.79 11.03 22.69
CA ILE A 1132 -2.78 10.59 21.72
C ILE A 1132 -3.20 11.77 20.86
N LYS A 1133 -3.42 12.92 21.48
CA LYS A 1133 -3.78 14.15 20.78
C LYS A 1133 -2.67 14.54 19.79
N VAL A 1134 -1.42 14.51 20.26
CA VAL A 1134 -0.28 14.88 19.44
C VAL A 1134 -0.20 13.97 18.22
N VAL A 1135 -0.23 12.65 18.43
CA VAL A 1135 0.01 11.70 17.37
C VAL A 1135 -1.11 11.80 16.33
N GLU A 1136 -2.32 12.13 16.80
CA GLU A 1136 -3.47 12.37 15.93
C GLU A 1136 -3.23 13.59 15.02
N GLU A 1137 -2.73 14.70 15.58
CA GLU A 1137 -2.37 15.85 14.76
C GLU A 1137 -1.38 15.44 13.65
N LEU A 1138 -0.47 14.49 13.97
CA LEU A 1138 0.60 14.09 13.06
C LEU A 1138 0.08 13.19 11.93
N THR A 1139 -0.89 12.30 12.21
CA THR A 1139 -1.56 11.53 11.18
C THR A 1139 -2.31 12.43 10.19
N ARG A 1140 -2.67 13.67 10.58
CA ARG A 1140 -3.46 14.55 9.72
C ARG A 1140 -2.66 15.09 8.52
N ILE A 1141 -1.32 15.02 8.56
CA ILE A 1141 -0.50 15.64 7.53
C ILE A 1141 -0.44 14.79 6.26
N HIS A 1142 -0.98 13.57 6.27
CA HIS A 1142 -1.05 12.74 5.05
C HIS A 1142 -2.43 12.11 4.93
#